data_5LGY
#
_entry.id   5LGY
#
_cell.length_a   67.703
_cell.length_b   70.344
_cell.length_c   104.995
_cell.angle_alpha   90.00
_cell.angle_beta   95.83
_cell.angle_gamma   90.00
#
_symmetry.space_group_name_H-M   'P 1 21 1'
#
loop_
_entity.id
_entity.type
_entity.pdbx_description
1 polymer 'Cellular tumor antigen p53'
2 polymer "DNA (5'-D(*TP*CP*AP*CP*AP*AP*GP*TP*TP*AP*GP*AP*GP*AP*CP*AP*AP*GP*CP*CP*T)-3')"
3 polymer "DNA (5'-D(*AP*GP*GP*CP*TP*TP*GP*TP*CP*TP*CP*TP*AP*AP*CP*TP*TP*GP*TP*GP*A)-3')"
4 non-polymer 'ZINC ION'
5 water water
#
loop_
_entity_poly.entity_id
_entity_poly.type
_entity_poly.pdbx_seq_one_letter_code
_entity_poly.pdbx_strand_id
1 'polypeptide(L)'
;SSSVPSQKTYQGSYGFRLGFLHSGTA(ALY)SVTCTYSPALNKMFCQLAKTCPVQLWVDSTPPPGTRVRAMAIYKQSQHM
TEVVRRCPHHERCSDSDGLAPPQHLIRVEGNLRVEYLDDRNTFRHSVVVPYEPPEVGSDCTTIHYNYMCNSSCMGGMNRR
PILTIITLEDSSGNLLGRNSFEVRVCACPGRDRRTEEENLRK
;
A,B,C,D
2 'polydeoxyribonucleotide'
;(DT)(DC)(DA)(DC)(DA)(DA)(DG)(DT)(DT)(DA)(DG)(DA)(DG)(DA)(DC)(DA)(DA)(DG)(DC)(DC)
(DT)
;
E
3 'polydeoxyribonucleotide'
;(DA)(DG)(DG)(DC)(DT)(DT)(DG)(DT)(DC)(DT)(DC)(DT)(DA)(DA)(DC)(DT)(DT)(DG)(DT)(DG)
(DA)
;
F
#
loop_
_chem_comp.id
_chem_comp.type
_chem_comp.name
_chem_comp.formula
DA DNA linking 2'-DEOXYADENOSINE-5'-MONOPHOSPHATE 'C10 H14 N5 O6 P'
DC DNA linking 2'-DEOXYCYTIDINE-5'-MONOPHOSPHATE 'C9 H14 N3 O7 P'
DG DNA linking 2'-DEOXYGUANOSINE-5'-MONOPHOSPHATE 'C10 H14 N5 O7 P'
DT DNA linking THYMIDINE-5'-MONOPHOSPHATE 'C10 H15 N2 O8 P'
ZN non-polymer 'ZINC ION' 'Zn 2'
#
# COMPACT_ATOMS: atom_id res chain seq x y z
N SER A 2 -14.54 -11.90 -11.24
CA SER A 2 -13.94 -13.18 -11.58
C SER A 2 -14.47 -14.31 -10.71
N SER A 3 -15.40 -15.09 -11.27
CA SER A 3 -15.89 -16.28 -10.59
C SER A 3 -14.74 -17.21 -10.31
N VAL A 4 -14.66 -17.70 -9.08
CA VAL A 4 -13.58 -18.59 -8.66
C VAL A 4 -13.81 -20.02 -9.16
N PRO A 5 -13.00 -20.46 -10.13
CA PRO A 5 -13.13 -21.80 -10.70
C PRO A 5 -12.82 -22.85 -9.65
N SER A 6 -13.67 -23.87 -9.55
CA SER A 6 -13.50 -24.89 -8.53
C SER A 6 -12.25 -25.74 -8.74
N GLN A 7 -11.62 -26.11 -7.63
CA GLN A 7 -10.47 -26.99 -7.63
C GLN A 7 -10.97 -28.33 -7.16
N LYS A 8 -12.20 -28.64 -7.49
CA LYS A 8 -12.78 -29.90 -7.10
C LYS A 8 -12.33 -30.85 -8.15
N THR A 9 -11.50 -31.78 -7.70
CA THR A 9 -10.95 -32.79 -8.55
C THR A 9 -12.07 -33.71 -8.82
N TYR A 10 -12.35 -33.90 -10.08
CA TYR A 10 -13.55 -34.59 -10.52
C TYR A 10 -13.27 -35.38 -11.79
N GLN A 11 -13.19 -36.70 -11.66
CA GLN A 11 -12.85 -37.56 -12.79
C GLN A 11 -14.03 -37.73 -13.75
N GLY A 12 -15.23 -37.59 -13.23
CA GLY A 12 -16.43 -37.63 -14.05
C GLY A 12 -16.79 -39.00 -14.58
N SER A 13 -17.59 -39.02 -15.64
CA SER A 13 -18.09 -40.26 -16.22
C SER A 13 -17.07 -40.95 -17.11
N TYR A 14 -15.92 -40.31 -17.32
CA TYR A 14 -14.93 -40.80 -18.26
C TYR A 14 -13.65 -41.25 -17.57
N GLY A 15 -13.56 -41.03 -16.27
CA GLY A 15 -12.39 -41.40 -15.51
C GLY A 15 -11.17 -40.59 -15.92
N PHE A 16 -11.32 -39.27 -15.93
CA PHE A 16 -10.27 -38.36 -16.38
C PHE A 16 -9.17 -38.22 -15.34
N ARG A 17 -7.97 -38.70 -15.68
CA ARG A 17 -6.84 -38.66 -14.77
C ARG A 17 -5.63 -38.00 -15.43
N LEU A 18 -4.74 -37.45 -14.60
CA LEU A 18 -3.53 -36.81 -15.09
C LEU A 18 -2.29 -37.65 -14.80
N GLY A 19 -1.36 -37.65 -15.74
CA GLY A 19 -0.10 -38.36 -15.59
C GLY A 19 1.06 -37.45 -15.91
N PHE A 20 2.27 -37.88 -15.54
CA PHE A 20 3.46 -37.10 -15.80
C PHE A 20 4.66 -38.00 -16.06
N LEU A 21 5.75 -37.42 -16.54
CA LEU A 21 6.97 -38.18 -16.81
C LEU A 21 7.87 -38.23 -15.58
N HIS A 22 8.50 -39.36 -15.35
CA HIS A 22 9.52 -39.47 -14.31
C HIS A 22 10.85 -38.92 -14.84
N SER A 23 11.24 -37.75 -14.36
CA SER A 23 12.43 -37.08 -14.88
C SER A 23 13.53 -36.96 -13.83
N GLY A 24 13.17 -37.15 -12.56
CA GLY A 24 14.14 -37.12 -11.48
C GLY A 24 14.62 -35.72 -11.13
N THR A 25 15.06 -35.53 -9.88
CA THR A 25 15.53 -34.22 -9.44
C THR A 25 17.04 -33.93 -9.70
N ALA A 26 17.48 -34.31 -10.87
CA ALA A 26 18.87 -34.23 -11.16
C ALA A 26 18.95 -32.81 -11.50
OH ALY A 27 20.77 -34.54 -6.90
CH ALY A 27 21.73 -34.77 -7.60
CH3 ALY A 27 22.83 -35.64 -7.09
NZ ALY A 27 21.87 -34.27 -8.81
CE ALY A 27 22.59 -33.03 -9.06
CD ALY A 27 22.50 -32.56 -10.52
CG ALY A 27 22.47 -31.04 -10.72
CB ALY A 27 21.21 -30.29 -10.26
CA ALY A 27 19.98 -30.65 -11.06
N ALY A 27 19.84 -32.07 -10.87
C ALY A 27 20.29 -30.55 -12.50
O ALY A 27 20.87 -31.56 -12.93
N SER A 28 19.82 -29.56 -13.24
CA SER A 28 19.97 -29.57 -14.68
C SER A 28 18.91 -30.35 -15.47
N VAL A 29 17.82 -30.73 -14.77
CA VAL A 29 16.59 -31.08 -15.46
C VAL A 29 15.78 -29.81 -15.73
N THR A 30 15.00 -29.79 -16.80
CA THR A 30 14.20 -28.65 -17.16
C THR A 30 12.85 -28.69 -16.54
N CYS A 31 12.30 -29.86 -16.39
CA CYS A 31 10.93 -30.02 -15.91
C CYS A 31 10.76 -31.35 -15.19
N THR A 32 10.30 -31.30 -13.94
CA THR A 32 10.09 -32.51 -13.15
C THR A 32 8.80 -32.43 -12.35
N TYR A 33 8.24 -33.60 -12.02
CA TYR A 33 6.99 -33.67 -11.26
C TYR A 33 7.14 -34.46 -9.96
N SER A 34 6.61 -33.91 -8.89
CA SER A 34 6.65 -34.56 -7.58
C SER A 34 5.29 -35.16 -7.25
N PRO A 35 5.20 -36.51 -7.26
CA PRO A 35 3.96 -37.24 -6.99
C PRO A 35 3.40 -36.97 -5.60
N ALA A 36 4.29 -36.83 -4.61
CA ALA A 36 3.88 -36.58 -3.24
C ALA A 36 3.29 -35.17 -3.06
N LEU A 37 3.91 -34.21 -3.73
CA LEU A 37 3.48 -32.82 -3.63
C LEU A 37 2.42 -32.49 -4.68
N ASN A 38 2.25 -33.40 -5.65
CA ASN A 38 1.41 -33.15 -6.81
C ASN A 38 1.82 -31.83 -7.46
N LYS A 39 3.13 -31.61 -7.52
CA LYS A 39 3.66 -30.31 -7.90
C LYS A 39 4.65 -30.43 -9.05
N MET A 40 4.53 -29.54 -10.04
CA MET A 40 5.44 -29.52 -11.17
C MET A 40 6.45 -28.39 -11.04
N PHE A 41 7.72 -28.74 -10.91
CA PHE A 41 8.80 -27.77 -10.90
C PHE A 41 9.36 -27.69 -12.32
N CYS A 42 9.44 -26.47 -12.85
CA CYS A 42 9.85 -26.29 -14.24
C CYS A 42 10.53 -24.95 -14.48
N GLN A 43 11.33 -24.88 -15.54
CA GLN A 43 12.00 -23.65 -15.91
C GLN A 43 11.10 -22.74 -16.74
N LEU A 44 11.49 -21.47 -16.81
CA LEU A 44 10.75 -20.47 -17.56
C LEU A 44 10.77 -20.75 -19.07
N ALA A 45 9.58 -20.76 -19.66
CA ALA A 45 9.41 -20.91 -21.12
C ALA A 45 9.87 -22.25 -21.69
N LYS A 46 10.11 -23.22 -20.82
CA LYS A 46 10.55 -24.55 -21.26
C LYS A 46 9.37 -25.50 -21.35
N THR A 47 9.57 -26.64 -22.01
CA THR A 47 8.51 -27.59 -22.29
C THR A 47 8.06 -28.34 -21.03
N CYS A 48 6.75 -28.41 -20.82
CA CYS A 48 6.18 -29.15 -19.69
C CYS A 48 5.19 -30.20 -20.18
N PRO A 49 5.66 -31.44 -20.34
CA PRO A 49 4.83 -32.55 -20.82
C PRO A 49 3.74 -32.94 -19.82
N VAL A 50 2.48 -32.85 -20.26
CA VAL A 50 1.36 -33.29 -19.44
C VAL A 50 0.50 -34.27 -20.23
N GLN A 51 0.33 -35.48 -19.73
CA GLN A 51 -0.42 -36.48 -20.46
C GLN A 51 -1.75 -36.78 -19.81
N LEU A 52 -2.74 -37.10 -20.65
CA LEU A 52 -4.12 -37.23 -20.22
C LEU A 52 -4.60 -38.67 -20.29
N TRP A 53 -5.08 -39.18 -19.17
CA TRP A 53 -5.52 -40.57 -19.08
C TRP A 53 -7.01 -40.70 -18.90
N VAL A 54 -7.65 -41.51 -19.73
CA VAL A 54 -9.11 -41.61 -19.77
C VAL A 54 -9.54 -43.05 -20.08
N ASP A 55 -10.60 -43.51 -19.41
CA ASP A 55 -11.10 -44.86 -19.58
C ASP A 55 -11.81 -45.06 -20.92
N SER A 56 -12.56 -44.06 -21.35
CA SER A 56 -13.33 -44.15 -22.58
C SER A 56 -13.19 -42.89 -23.44
N THR A 57 -12.92 -43.10 -24.72
CA THR A 57 -12.70 -41.99 -25.66
C THR A 57 -13.91 -41.08 -25.80
N PRO A 58 -13.73 -39.80 -25.46
CA PRO A 58 -14.77 -38.77 -25.52
C PRO A 58 -15.24 -38.51 -26.95
N PRO A 59 -16.45 -37.96 -27.12
CA PRO A 59 -16.94 -37.56 -28.44
C PRO A 59 -16.07 -36.46 -29.03
N PRO A 60 -15.94 -36.42 -30.37
CA PRO A 60 -15.18 -35.38 -31.05
C PRO A 60 -15.78 -34.00 -30.80
N GLY A 61 -14.93 -32.97 -30.84
CA GLY A 61 -15.35 -31.63 -30.49
C GLY A 61 -15.09 -31.36 -29.02
N THR A 62 -14.66 -32.40 -28.31
CA THR A 62 -14.28 -32.27 -26.91
C THR A 62 -12.94 -31.55 -26.82
N ARG A 63 -12.85 -30.60 -25.89
CA ARG A 63 -11.67 -29.78 -25.76
C ARG A 63 -11.05 -29.86 -24.38
N VAL A 64 -9.77 -29.48 -24.25
CA VAL A 64 -9.08 -29.50 -22.98
C VAL A 64 -8.60 -28.09 -22.60
N ARG A 65 -9.06 -27.61 -21.46
CA ARG A 65 -8.75 -26.24 -21.04
C ARG A 65 -7.79 -26.20 -19.85
N ALA A 66 -6.76 -25.35 -19.97
CA ALA A 66 -5.78 -25.17 -18.90
C ALA A 66 -5.88 -23.76 -18.35
N MET A 67 -6.02 -23.64 -17.04
CA MET A 67 -6.14 -22.33 -16.40
C MET A 67 -5.33 -22.26 -15.11
N ALA A 68 -4.72 -21.10 -14.86
CA ALA A 68 -3.92 -20.90 -13.66
C ALA A 68 -4.74 -20.24 -12.56
N ILE A 69 -4.40 -20.53 -11.33
CA ILE A 69 -5.06 -19.90 -10.23
C ILE A 69 -4.17 -19.96 -9.04
N TYR A 70 -4.25 -18.96 -8.18
CA TYR A 70 -3.45 -18.86 -6.97
C TYR A 70 -3.96 -19.85 -5.93
N LYS A 71 -3.04 -20.57 -5.30
CA LYS A 71 -3.40 -21.64 -4.37
C LYS A 71 -4.00 -21.09 -3.07
N GLN A 72 -3.31 -20.13 -2.46
CA GLN A 72 -3.74 -19.55 -1.19
C GLN A 72 -5.11 -18.90 -1.30
N SER A 73 -5.87 -18.96 -0.21
CA SER A 73 -7.22 -18.41 -0.18
C SER A 73 -7.22 -16.89 -0.31
N GLN A 74 -6.20 -16.26 0.26
CA GLN A 74 -6.07 -14.80 0.27
C GLN A 74 -5.94 -14.22 -1.14
N HIS A 75 -5.32 -14.98 -2.03
CA HIS A 75 -5.01 -14.50 -3.37
C HIS A 75 -5.87 -15.20 -4.43
N MET A 76 -6.78 -16.06 -3.99
CA MET A 76 -7.56 -16.88 -4.91
C MET A 76 -8.44 -16.07 -5.84
N THR A 77 -8.81 -14.90 -5.39
CA THR A 77 -9.73 -14.06 -6.11
C THR A 77 -9.02 -13.30 -7.21
N GLU A 78 -7.69 -13.27 -7.17
CA GLU A 78 -6.87 -12.52 -8.10
C GLU A 78 -6.53 -13.31 -9.35
N VAL A 79 -6.62 -12.69 -10.50
CA VAL A 79 -6.31 -13.34 -11.74
C VAL A 79 -4.84 -13.56 -11.83
N VAL A 80 -4.42 -14.62 -12.52
CA VAL A 80 -3.01 -14.92 -12.71
C VAL A 80 -2.48 -14.33 -14.03
N ARG A 81 -1.57 -13.38 -13.94
CA ARG A 81 -1.05 -12.77 -15.12
C ARG A 81 0.43 -12.85 -15.15
N ARG A 82 1.02 -12.39 -16.24
CA ARG A 82 2.47 -12.33 -16.35
C ARG A 82 2.91 -11.02 -15.71
N CYS A 83 4.13 -10.99 -15.18
CA CYS A 83 4.67 -9.78 -14.59
C CYS A 83 4.76 -8.68 -15.65
N PRO A 84 4.66 -7.41 -15.22
CA PRO A 84 4.70 -6.26 -16.14
C PRO A 84 5.94 -6.25 -17.05
N HIS A 85 7.03 -6.85 -16.59
CA HIS A 85 8.25 -6.93 -17.39
C HIS A 85 8.13 -7.94 -18.54
N HIS A 86 7.71 -9.15 -18.22
CA HIS A 86 7.61 -10.21 -19.21
C HIS A 86 6.47 -9.97 -20.19
N GLU A 87 5.53 -9.10 -19.80
CA GLU A 87 4.44 -8.72 -20.67
C GLU A 87 4.95 -8.02 -21.93
N ARG A 88 5.93 -7.14 -21.76
CA ARG A 88 6.34 -6.24 -22.82
C ARG A 88 7.62 -6.66 -23.55
N CYS A 89 8.14 -7.84 -23.25
CA CYS A 89 9.30 -8.35 -23.97
C CYS A 89 8.87 -9.28 -25.09
N SER A 90 9.58 -9.19 -26.21
CA SER A 90 9.24 -9.99 -27.39
C SER A 90 9.37 -11.48 -27.14
N ASP A 91 8.28 -12.11 -26.72
CA ASP A 91 8.25 -13.53 -26.42
C ASP A 91 7.28 -14.26 -27.35
N SER A 92 6.19 -13.58 -27.70
CA SER A 92 5.06 -14.18 -28.41
C SER A 92 5.43 -15.07 -29.59
N ASP A 93 4.85 -16.26 -29.61
CA ASP A 93 5.08 -17.24 -30.67
C ASP A 93 4.24 -16.89 -31.90
N GLY A 94 3.53 -15.77 -31.83
CA GLY A 94 2.64 -15.37 -32.90
C GLY A 94 1.22 -15.82 -32.61
N LEU A 95 1.10 -16.82 -31.76
CA LEU A 95 -0.20 -17.41 -31.43
C LEU A 95 -0.70 -16.91 -30.08
N ALA A 96 0.18 -16.92 -29.09
CA ALA A 96 -0.20 -16.58 -27.71
C ALA A 96 -0.14 -15.08 -27.45
N PRO A 97 -1.17 -14.55 -26.76
CA PRO A 97 -1.15 -13.18 -26.25
C PRO A 97 -0.02 -12.97 -25.26
N PRO A 98 0.55 -11.76 -25.21
CA PRO A 98 1.70 -11.45 -24.34
C PRO A 98 1.38 -11.62 -22.86
N GLN A 99 0.13 -11.34 -22.48
CA GLN A 99 -0.26 -11.36 -21.08
C GLN A 99 -0.33 -12.79 -20.53
N HIS A 100 -0.62 -13.73 -21.38
CA HIS A 100 -0.88 -15.06 -20.90
C HIS A 100 0.32 -15.82 -20.38
N LEU A 101 0.12 -16.45 -19.23
CA LEU A 101 1.17 -17.21 -18.55
C LEU A 101 1.37 -18.58 -19.16
N ILE A 102 0.26 -19.29 -19.39
CA ILE A 102 0.31 -20.67 -19.89
C ILE A 102 0.14 -20.74 -21.40
N ARG A 103 1.06 -21.34 -22.13
CA ARG A 103 0.77 -21.55 -23.53
C ARG A 103 1.14 -22.93 -24.01
N VAL A 104 0.71 -23.27 -25.21
CA VAL A 104 0.84 -24.64 -25.68
C VAL A 104 1.72 -24.77 -26.91
N GLU A 105 2.81 -25.52 -26.84
CA GLU A 105 3.71 -25.62 -27.98
C GLU A 105 3.18 -26.48 -29.11
N GLY A 106 3.36 -26.06 -30.34
CA GLY A 106 2.74 -26.74 -31.45
C GLY A 106 1.24 -26.65 -31.31
N ASN A 107 0.51 -27.63 -31.81
CA ASN A 107 -0.91 -27.59 -31.69
C ASN A 107 -1.54 -26.38 -32.34
N LEU A 108 -1.49 -26.32 -33.64
CA LEU A 108 -1.92 -25.14 -34.34
C LEU A 108 -3.39 -24.77 -34.13
N ARG A 109 -4.16 -25.71 -33.66
CA ARG A 109 -5.57 -25.51 -33.35
C ARG A 109 -5.76 -25.07 -31.91
N VAL A 110 -4.70 -24.47 -31.35
CA VAL A 110 -4.73 -23.93 -30.01
C VAL A 110 -5.51 -22.62 -30.00
N GLU A 111 -6.23 -22.35 -28.91
CA GLU A 111 -6.96 -21.09 -28.77
C GLU A 111 -6.75 -20.49 -27.40
N TYR A 112 -6.60 -19.17 -27.32
CA TYR A 112 -6.38 -18.52 -26.05
C TYR A 112 -7.52 -17.60 -25.84
N LEU A 113 -8.20 -17.67 -24.69
CA LEU A 113 -9.34 -16.78 -24.44
C LEU A 113 -9.15 -15.72 -23.34
N ASP A 114 -9.84 -14.60 -23.48
CA ASP A 114 -9.78 -13.53 -22.49
C ASP A 114 -10.97 -13.49 -21.51
N ASP A 115 -12.00 -14.30 -21.72
CA ASP A 115 -13.13 -14.36 -20.80
C ASP A 115 -13.77 -13.02 -20.41
N ARG A 116 -14.26 -12.25 -21.38
CA ARG A 116 -14.77 -10.94 -21.02
C ARG A 116 -15.32 -10.75 -19.60
N ASN A 117 -16.18 -11.66 -19.14
CA ASN A 117 -16.77 -11.57 -17.81
C ASN A 117 -15.93 -11.82 -16.55
N THR A 118 -15.18 -12.91 -16.61
CA THR A 118 -14.30 -13.40 -15.56
C THR A 118 -12.92 -12.72 -15.58
N PHE A 119 -12.38 -12.48 -16.78
CA PHE A 119 -11.08 -11.83 -16.96
C PHE A 119 -9.91 -12.77 -16.72
N ARG A 120 -10.22 -14.05 -16.64
CA ARG A 120 -9.24 -15.10 -16.33
C ARG A 120 -8.63 -15.67 -17.60
N HIS A 121 -7.33 -15.88 -17.58
CA HIS A 121 -6.62 -16.44 -18.73
C HIS A 121 -6.73 -17.96 -18.77
N SER A 122 -6.96 -18.50 -19.97
CA SER A 122 -6.98 -19.95 -20.16
C SER A 122 -6.63 -20.30 -21.60
N VAL A 123 -6.15 -21.52 -21.80
CA VAL A 123 -5.74 -21.97 -23.13
C VAL A 123 -6.34 -23.34 -23.44
N VAL A 124 -6.88 -23.49 -24.65
CA VAL A 124 -7.60 -24.72 -25.00
C VAL A 124 -7.04 -25.46 -26.19
N VAL A 125 -7.20 -26.78 -26.16
CA VAL A 125 -6.79 -27.66 -27.24
C VAL A 125 -7.93 -28.62 -27.53
N PRO A 126 -8.18 -28.88 -28.82
CA PRO A 126 -9.16 -29.94 -29.15
C PRO A 126 -8.61 -31.30 -28.75
N TYR A 127 -9.38 -32.07 -27.99
CA TYR A 127 -8.89 -33.36 -27.52
C TYR A 127 -8.68 -34.33 -28.68
N GLU A 128 -7.51 -34.97 -28.67
CA GLU A 128 -7.20 -35.98 -29.68
C GLU A 128 -6.82 -37.29 -28.99
N PRO A 129 -7.47 -38.39 -29.39
CA PRO A 129 -7.25 -39.71 -28.81
C PRO A 129 -5.80 -40.15 -28.91
N PRO A 130 -5.34 -40.99 -27.98
CA PRO A 130 -3.97 -41.51 -27.98
C PRO A 130 -3.64 -42.19 -29.32
N GLU A 131 -2.41 -41.96 -29.75
CA GLU A 131 -1.92 -42.44 -30.98
C GLU A 131 -1.62 -43.86 -30.71
N VAL A 132 -1.64 -44.64 -31.79
CA VAL A 132 -1.86 -46.06 -31.71
C VAL A 132 -0.68 -46.79 -31.14
N GLY A 133 -0.87 -47.33 -29.96
CA GLY A 133 0.23 -47.87 -29.22
C GLY A 133 0.31 -47.13 -27.92
N SER A 134 0.15 -45.81 -27.95
CA SER A 134 0.20 -45.03 -26.73
C SER A 134 -1.13 -45.14 -25.98
N ASP A 135 -1.09 -44.99 -24.67
CA ASP A 135 -2.28 -45.13 -23.85
C ASP A 135 -2.77 -43.78 -23.31
N CYS A 136 -2.20 -42.69 -23.82
CA CYS A 136 -2.56 -41.36 -23.36
C CYS A 136 -2.16 -40.28 -24.35
N THR A 137 -2.77 -39.10 -24.24
CA THR A 137 -2.44 -37.96 -25.08
C THR A 137 -1.60 -36.96 -24.29
N THR A 138 -0.46 -36.58 -24.85
CA THR A 138 0.47 -35.68 -24.17
C THR A 138 0.40 -34.26 -24.72
N ILE A 139 0.32 -33.28 -23.81
CA ILE A 139 0.29 -31.87 -24.20
C ILE A 139 1.51 -31.13 -23.65
N HIS A 140 2.16 -30.35 -24.50
CA HIS A 140 3.35 -29.59 -24.10
C HIS A 140 3.00 -28.17 -23.69
N TYR A 141 3.07 -27.89 -22.39
CA TYR A 141 2.75 -26.57 -21.87
C TYR A 141 3.99 -25.73 -21.61
N ASN A 142 3.85 -24.41 -21.72
CA ASN A 142 4.89 -23.48 -21.31
C ASN A 142 4.37 -22.56 -20.22
N TYR A 143 5.24 -22.21 -19.28
CA TYR A 143 4.91 -21.21 -18.27
C TYR A 143 5.80 -19.99 -18.47
N MET A 144 5.16 -18.86 -18.76
CA MET A 144 5.88 -17.68 -19.24
C MET A 144 6.24 -16.66 -18.16
N CYS A 145 6.40 -17.14 -16.93
CA CYS A 145 6.86 -16.30 -15.83
C CYS A 145 7.34 -17.18 -14.67
N ASN A 146 8.47 -16.82 -14.09
CA ASN A 146 8.92 -17.48 -12.87
C ASN A 146 7.92 -17.25 -11.76
N SER A 147 7.77 -18.23 -10.88
CA SER A 147 6.83 -18.11 -9.76
C SER A 147 7.19 -16.95 -8.84
N SER A 148 8.45 -16.53 -8.88
CA SER A 148 8.94 -15.48 -8.01
C SER A 148 8.99 -14.12 -8.71
N CYS A 149 8.39 -14.05 -9.90
CA CYS A 149 8.40 -12.81 -10.69
C CYS A 149 7.75 -11.65 -9.96
N MET A 150 8.53 -10.59 -9.75
CA MET A 150 8.06 -9.38 -9.09
C MET A 150 7.01 -8.67 -9.94
N GLY A 151 5.85 -8.43 -9.34
CA GLY A 151 4.75 -7.78 -10.04
C GLY A 151 3.83 -8.81 -10.68
N GLY A 152 4.29 -10.05 -10.77
CA GLY A 152 3.49 -11.12 -11.32
C GLY A 152 2.92 -12.02 -10.23
N MET A 153 3.29 -13.28 -10.27
CA MET A 153 2.87 -14.23 -9.24
C MET A 153 3.43 -13.87 -7.88
N ASN A 154 4.61 -13.23 -7.89
CA ASN A 154 5.22 -12.68 -6.69
C ASN A 154 5.43 -13.72 -5.59
N ARG A 155 6.14 -14.79 -5.93
CA ARG A 155 6.46 -15.87 -4.99
C ARG A 155 5.24 -16.62 -4.42
N ARG A 156 4.06 -16.33 -4.98
CA ARG A 156 2.85 -17.04 -4.58
C ARG A 156 2.69 -18.29 -5.42
N PRO A 157 2.52 -19.45 -4.77
CA PRO A 157 2.35 -20.72 -5.49
C PRO A 157 1.00 -20.77 -6.20
N ILE A 158 0.97 -21.40 -7.37
CA ILE A 158 -0.26 -21.49 -8.15
C ILE A 158 -0.66 -22.92 -8.44
N LEU A 159 -1.89 -23.10 -8.92
CA LEU A 159 -2.36 -24.41 -9.38
C LEU A 159 -2.76 -24.30 -10.85
N THR A 160 -2.51 -25.35 -11.61
CA THR A 160 -2.98 -25.42 -12.99
C THR A 160 -4.20 -26.33 -13.08
N ILE A 161 -5.33 -25.77 -13.48
CA ILE A 161 -6.57 -26.52 -13.56
C ILE A 161 -6.84 -27.03 -14.98
N ILE A 162 -6.65 -28.33 -15.18
CA ILE A 162 -6.94 -28.95 -16.46
C ILE A 162 -8.38 -29.44 -16.48
N THR A 163 -9.20 -28.86 -17.35
CA THR A 163 -10.60 -29.24 -17.44
C THR A 163 -10.92 -29.90 -18.77
N LEU A 164 -11.74 -30.95 -18.72
CA LEU A 164 -12.21 -31.62 -19.93
C LEU A 164 -13.59 -31.05 -20.27
N GLU A 165 -13.72 -30.50 -21.47
CA GLU A 165 -14.95 -29.79 -21.83
C GLU A 165 -15.59 -30.28 -23.13
N ASP A 166 -16.92 -30.28 -23.13
CA ASP A 166 -17.69 -30.39 -24.37
C ASP A 166 -17.47 -29.08 -25.11
N SER A 167 -17.71 -29.09 -26.42
CA SER A 167 -17.53 -27.90 -27.25
C SER A 167 -18.24 -26.67 -26.69
N SER A 168 -19.43 -26.89 -26.12
CA SER A 168 -20.22 -25.79 -25.56
C SER A 168 -19.60 -25.23 -24.28
N GLY A 169 -18.73 -26.01 -23.65
CA GLY A 169 -18.02 -25.55 -22.48
C GLY A 169 -18.48 -26.15 -21.17
N ASN A 170 -19.21 -27.26 -21.25
CA ASN A 170 -19.69 -27.93 -20.05
C ASN A 170 -18.60 -28.77 -19.40
N LEU A 171 -18.71 -28.97 -18.09
CA LEU A 171 -17.71 -29.75 -17.36
C LEU A 171 -17.90 -31.25 -17.58
N LEU A 172 -16.82 -31.92 -17.93
CA LEU A 172 -16.82 -33.37 -18.09
C LEU A 172 -15.95 -33.98 -17.01
N GLY A 173 -14.82 -33.33 -16.75
CA GLY A 173 -13.88 -33.78 -15.74
C GLY A 173 -12.73 -32.80 -15.57
N ARG A 174 -12.19 -32.74 -14.36
CA ARG A 174 -11.06 -31.86 -14.09
C ARG A 174 -10.09 -32.41 -13.06
N ASN A 175 -8.83 -32.03 -13.21
CA ASN A 175 -7.80 -32.31 -12.22
C ASN A 175 -6.87 -31.11 -12.10
N SER A 176 -6.05 -31.10 -11.06
CA SER A 176 -5.17 -29.96 -10.81
C SER A 176 -3.83 -30.37 -10.21
N PHE A 177 -2.84 -29.50 -10.33
CA PHE A 177 -1.52 -29.72 -9.77
C PHE A 177 -0.81 -28.41 -9.51
N GLU A 178 -0.01 -28.36 -8.43
CA GLU A 178 0.72 -27.15 -8.08
C GLU A 178 1.89 -26.92 -9.04
N VAL A 179 2.19 -25.66 -9.31
CA VAL A 179 3.28 -25.32 -10.21
C VAL A 179 4.26 -24.32 -9.59
N ARG A 180 5.53 -24.68 -9.61
CA ARG A 180 6.58 -23.73 -9.26
C ARG A 180 7.47 -23.50 -10.46
N VAL A 181 7.48 -22.27 -10.96
CA VAL A 181 8.34 -21.90 -12.07
C VAL A 181 9.60 -21.22 -11.52
N CYS A 182 10.72 -21.93 -11.59
CA CYS A 182 11.96 -21.44 -11.00
C CYS A 182 13.14 -21.68 -11.92
N ALA A 183 14.33 -21.28 -11.47
CA ALA A 183 15.54 -21.46 -12.28
C ALA A 183 16.07 -22.89 -12.16
N CYS A 184 15.95 -23.45 -10.96
CA CYS A 184 16.47 -24.78 -10.68
C CYS A 184 15.37 -25.71 -10.15
N PRO A 185 14.63 -26.34 -11.05
CA PRO A 185 13.54 -27.26 -10.68
C PRO A 185 14.04 -28.45 -9.88
N GLY A 186 15.16 -29.04 -10.30
CA GLY A 186 15.73 -30.19 -9.63
C GLY A 186 16.12 -29.90 -8.19
N ARG A 187 16.74 -28.74 -7.98
CA ARG A 187 17.14 -28.33 -6.66
C ARG A 187 15.93 -28.06 -5.76
N ASP A 188 15.01 -27.23 -6.25
CA ASP A 188 13.86 -26.80 -5.47
C ASP A 188 12.88 -27.93 -5.14
N ARG A 189 12.80 -28.93 -6.02
CA ARG A 189 11.94 -30.08 -5.74
C ARG A 189 12.56 -30.95 -4.67
N ARG A 190 13.86 -31.20 -4.80
CA ARG A 190 14.59 -32.02 -3.83
C ARG A 190 14.52 -31.38 -2.44
N THR A 191 14.61 -30.06 -2.42
CA THR A 191 14.54 -29.30 -1.17
C THR A 191 13.15 -29.38 -0.54
N GLU A 192 12.13 -29.09 -1.34
CA GLU A 192 10.75 -29.04 -0.84
C GLU A 192 10.24 -30.41 -0.37
N GLU A 193 10.67 -31.46 -1.06
CA GLU A 193 10.28 -32.81 -0.69
C GLU A 193 10.93 -33.26 0.62
N GLU A 194 12.21 -32.94 0.77
CA GLU A 194 12.96 -33.33 1.97
C GLU A 194 12.63 -32.44 3.17
N ASN A 195 11.88 -31.36 2.93
CA ASN A 195 11.44 -30.48 4.01
C ASN A 195 10.09 -30.91 4.58
N LEU A 196 9.38 -31.75 3.83
CA LEU A 196 8.08 -32.23 4.26
C LEU A 196 8.24 -33.26 5.38
N ARG A 197 9.48 -33.70 5.58
CA ARG A 197 9.80 -34.66 6.62
C ARG A 197 9.99 -33.98 7.97
N LYS A 198 9.52 -32.74 8.07
CA LYS A 198 9.70 -31.95 9.29
C LYS A 198 8.35 -31.37 9.75
N SER B 1 22.11 4.21 -29.72
CA SER B 1 21.29 4.16 -28.52
C SER B 1 21.06 5.53 -27.92
N SER B 2 21.92 5.96 -27.01
CA SER B 2 21.77 7.23 -26.35
C SER B 2 23.18 7.55 -26.09
N SER B 3 23.57 8.79 -26.10
CA SER B 3 24.95 9.15 -26.16
C SER B 3 25.41 9.12 -24.77
N VAL B 4 26.70 9.21 -24.52
CA VAL B 4 27.16 9.11 -23.13
C VAL B 4 27.79 10.40 -22.61
N PRO B 5 27.21 10.96 -21.54
CA PRO B 5 27.77 12.12 -20.84
C PRO B 5 29.09 11.75 -20.18
N SER B 6 30.02 12.71 -20.11
CA SER B 6 31.32 12.46 -19.50
C SER B 6 31.20 12.28 -17.99
N GLN B 7 32.09 11.49 -17.41
CA GLN B 7 32.02 11.21 -15.98
C GLN B 7 33.24 11.79 -15.26
N LYS B 8 34.17 12.35 -16.03
CA LYS B 8 35.41 12.83 -15.46
C LYS B 8 35.21 13.96 -14.45
N THR B 9 35.75 13.76 -13.26
CA THR B 9 35.69 14.74 -12.18
C THR B 9 36.34 16.07 -12.58
N TYR B 10 35.57 17.15 -12.45
CA TYR B 10 36.02 18.47 -12.89
C TYR B 10 35.47 19.53 -11.94
N GLN B 11 36.35 20.09 -11.10
CA GLN B 11 35.95 21.02 -10.06
C GLN B 11 35.64 22.40 -10.63
N GLY B 12 36.24 22.71 -11.78
CA GLY B 12 35.94 23.94 -12.48
C GLY B 12 36.44 25.21 -11.82
N SER B 13 35.83 26.32 -12.19
CA SER B 13 36.26 27.64 -11.72
C SER B 13 35.77 27.96 -10.32
N TYR B 14 34.93 27.10 -9.77
CA TYR B 14 34.32 27.36 -8.47
C TYR B 14 34.69 26.30 -7.43
N GLY B 15 35.57 25.38 -7.80
CA GLY B 15 36.03 24.34 -6.90
C GLY B 15 34.90 23.47 -6.39
N PHE B 16 34.14 22.91 -7.32
CA PHE B 16 32.96 22.11 -6.97
C PHE B 16 33.35 20.72 -6.48
N ARG B 17 33.07 20.43 -5.22
CA ARG B 17 33.39 19.14 -4.62
C ARG B 17 32.16 18.52 -3.94
N LEU B 18 32.17 17.19 -3.81
CA LEU B 18 31.06 16.49 -3.17
C LEU B 18 31.42 16.01 -1.77
N GLY B 19 30.43 16.02 -0.88
CA GLY B 19 30.62 15.57 0.48
C GLY B 19 29.55 14.58 0.89
N PHE B 20 29.89 13.73 1.85
CA PHE B 20 28.94 12.73 2.33
C PHE B 20 29.00 12.60 3.85
N LEU B 21 27.99 11.95 4.42
CA LEU B 21 27.92 11.74 5.86
C LEU B 21 28.58 10.43 6.27
N HIS B 22 29.31 10.46 7.37
CA HIS B 22 29.93 9.25 7.90
C HIS B 22 28.87 8.48 8.69
N SER B 23 28.45 7.34 8.17
CA SER B 23 27.32 6.62 8.76
C SER B 23 27.73 5.27 9.36
N GLY B 24 28.80 4.69 8.82
CA GLY B 24 29.28 3.41 9.31
C GLY B 24 28.45 2.24 8.79
N THR B 25 29.07 1.07 8.70
CA THR B 25 28.40 -0.11 8.17
C THR B 25 27.56 -0.81 9.23
N ALA B 26 26.55 -0.12 9.75
CA ALA B 26 25.65 -0.71 10.73
C ALA B 26 24.78 -1.78 10.07
OH ALY B 27 27.70 -8.46 7.57
CH ALY B 27 26.48 -8.57 7.79
CH3 ALY B 27 25.72 -9.80 7.37
NZ ALY B 27 25.76 -7.58 8.43
CE ALY B 27 24.35 -7.67 8.72
CD ALY B 27 23.72 -6.35 9.17
CG ALY B 27 24.19 -6.02 10.57
CB ALY B 27 23.30 -4.97 11.20
CA ALY B 27 23.30 -3.67 10.37
N ALY B 27 24.10 -2.58 10.89
C ALY B 27 21.85 -3.27 10.22
O ALY B 27 20.93 -4.07 9.97
N SER B 28 21.61 -1.98 10.38
CA SER B 28 20.25 -1.44 10.29
C SER B 28 20.21 -0.05 9.67
N VAL B 29 21.27 0.29 8.94
CA VAL B 29 21.38 1.61 8.33
C VAL B 29 20.63 1.63 6.98
N THR B 30 20.12 2.81 6.61
CA THR B 30 19.36 2.96 5.38
C THR B 30 20.20 3.51 4.24
N CYS B 31 21.30 4.18 4.58
CA CYS B 31 22.16 4.80 3.58
C CYS B 31 23.56 5.03 4.12
N THR B 32 24.57 4.50 3.45
CA THR B 32 25.96 4.68 3.86
C THR B 32 26.88 4.88 2.65
N TYR B 33 27.98 5.59 2.86
CA TYR B 33 28.91 5.89 1.78
C TYR B 33 30.29 5.27 2.03
N SER B 34 30.85 4.64 1.01
CA SER B 34 32.17 4.02 1.11
C SER B 34 33.22 4.86 0.41
N PRO B 35 34.07 5.55 1.19
CA PRO B 35 35.13 6.41 0.66
C PRO B 35 36.13 5.64 -0.20
N ALA B 36 36.41 4.40 0.19
CA ALA B 36 37.37 3.57 -0.54
C ALA B 36 36.83 3.18 -1.92
N LEU B 37 35.51 3.02 -2.01
CA LEU B 37 34.87 2.59 -3.24
C LEU B 37 34.25 3.77 -3.98
N ASN B 38 34.15 4.91 -3.30
CA ASN B 38 33.42 6.07 -3.81
C ASN B 38 32.00 5.64 -4.18
N LYS B 39 31.41 4.81 -3.32
CA LYS B 39 30.13 4.17 -3.63
C LYS B 39 29.14 4.37 -2.49
N MET B 40 27.89 4.65 -2.85
CA MET B 40 26.84 4.83 -1.86
C MET B 40 25.85 3.67 -1.87
N PHE B 41 25.80 2.95 -0.75
CA PHE B 41 24.85 1.86 -0.59
C PHE B 41 23.63 2.39 0.14
N CYS B 42 22.45 2.15 -0.42
CA CYS B 42 21.22 2.71 0.13
C CYS B 42 20.00 1.87 -0.22
N GLN B 43 18.96 1.99 0.62
CA GLN B 43 17.70 1.29 0.40
C GLN B 43 16.83 2.07 -0.59
N LEU B 44 15.84 1.37 -1.14
CA LEU B 44 14.91 1.98 -2.08
C LEU B 44 14.07 3.06 -1.41
N ALA B 45 13.93 4.20 -2.09
CA ALA B 45 13.06 5.30 -1.66
C ALA B 45 13.48 5.99 -0.36
N LYS B 46 14.61 5.58 0.21
CA LYS B 46 15.11 6.20 1.43
C LYS B 46 15.97 7.42 1.12
N THR B 47 16.14 8.30 2.10
CA THR B 47 16.86 9.55 1.91
C THR B 47 18.36 9.33 1.75
N CYS B 48 18.95 9.97 0.75
CA CYS B 48 20.39 9.90 0.51
C CYS B 48 21.00 11.29 0.51
N PRO B 49 21.57 11.71 1.66
CA PRO B 49 22.17 13.03 1.83
C PRO B 49 23.43 13.22 0.99
N VAL B 50 23.44 14.25 0.16
CA VAL B 50 24.61 14.57 -0.66
C VAL B 50 25.00 16.03 -0.47
N GLN B 51 26.26 16.26 -0.10
CA GLN B 51 26.73 17.62 0.20
C GLN B 51 27.41 18.27 -1.01
N LEU B 52 27.28 19.59 -1.11
CA LEU B 52 27.89 20.34 -2.21
C LEU B 52 28.88 21.38 -1.67
N TRP B 53 30.15 21.23 -2.02
CA TRP B 53 31.19 22.12 -1.53
C TRP B 53 31.73 23.00 -2.65
N VAL B 54 31.80 24.31 -2.39
CA VAL B 54 32.33 25.26 -3.36
C VAL B 54 33.31 26.24 -2.69
N ASP B 55 34.33 26.66 -3.44
CA ASP B 55 35.30 27.62 -2.95
C ASP B 55 34.77 29.04 -3.09
N SER B 56 34.14 29.32 -4.22
CA SER B 56 33.56 30.62 -4.48
C SER B 56 32.11 30.48 -4.90
N THR B 57 31.22 31.25 -4.26
CA THR B 57 29.81 31.22 -4.59
C THR B 57 29.57 31.63 -6.04
N PRO B 58 28.92 30.74 -6.80
CA PRO B 58 28.68 30.93 -8.23
C PRO B 58 27.55 31.92 -8.50
N PRO B 59 27.47 32.48 -9.72
CA PRO B 59 26.43 33.46 -10.07
C PRO B 59 25.02 32.96 -9.81
N PRO B 60 24.07 33.88 -9.59
CA PRO B 60 22.68 33.49 -9.35
C PRO B 60 22.07 32.86 -10.60
N GLY B 61 21.20 31.87 -10.40
CA GLY B 61 20.54 31.22 -11.51
C GLY B 61 21.24 29.94 -11.95
N THR B 62 22.32 29.59 -11.25
CA THR B 62 23.04 28.35 -11.54
C THR B 62 22.29 27.17 -10.91
N ARG B 63 22.31 26.03 -11.60
CA ARG B 63 21.51 24.88 -11.20
C ARG B 63 22.38 23.66 -10.89
N VAL B 64 21.76 22.65 -10.29
CA VAL B 64 22.44 21.40 -9.95
C VAL B 64 21.67 20.21 -10.50
N ARG B 65 22.27 19.50 -11.45
CA ARG B 65 21.61 18.36 -12.09
C ARG B 65 22.16 17.02 -11.58
N ALA B 66 21.25 16.09 -11.32
CA ALA B 66 21.63 14.72 -10.96
C ALA B 66 21.15 13.75 -12.04
N MET B 67 22.06 12.93 -12.55
CA MET B 67 21.71 11.98 -13.61
C MET B 67 22.37 10.63 -13.37
N ALA B 68 21.64 9.56 -13.66
CA ALA B 68 22.18 8.21 -13.50
C ALA B 68 22.59 7.60 -14.85
N ILE B 69 23.80 7.05 -14.90
CA ILE B 69 24.26 6.31 -16.06
C ILE B 69 24.85 4.97 -15.64
N TYR B 70 24.72 3.96 -16.50
CA TYR B 70 25.31 2.66 -16.21
C TYR B 70 26.83 2.75 -16.22
N LYS B 71 27.47 2.03 -15.31
CA LYS B 71 28.92 2.10 -15.15
C LYS B 71 29.66 1.30 -16.22
N GLN B 72 29.22 0.07 -16.44
CA GLN B 72 29.85 -0.83 -17.40
C GLN B 72 29.69 -0.31 -18.82
N SER B 73 30.73 -0.48 -19.63
CA SER B 73 30.78 0.08 -20.98
C SER B 73 29.70 -0.44 -21.92
N GLN B 74 29.37 -1.73 -21.79
CA GLN B 74 28.37 -2.33 -22.68
C GLN B 74 26.95 -1.85 -22.36
N HIS B 75 26.80 -1.15 -21.24
CA HIS B 75 25.48 -0.70 -20.80
C HIS B 75 25.36 0.82 -20.70
N MET B 76 26.49 1.52 -20.81
CA MET B 76 26.49 2.99 -20.74
C MET B 76 25.54 3.64 -21.73
N THR B 77 25.42 3.11 -22.93
CA THR B 77 24.55 3.81 -23.84
C THR B 77 23.08 3.51 -23.63
N GLU B 78 22.74 2.61 -22.75
CA GLU B 78 21.34 2.46 -22.37
C GLU B 78 20.88 3.49 -21.32
N VAL B 79 19.66 3.98 -21.48
CA VAL B 79 19.07 4.95 -20.56
C VAL B 79 18.62 4.28 -19.26
N VAL B 80 18.89 4.93 -18.13
CA VAL B 80 18.52 4.38 -16.84
C VAL B 80 17.15 4.85 -16.40
N ARG B 81 16.23 3.90 -16.24
CA ARG B 81 14.86 4.18 -15.83
C ARG B 81 14.29 3.09 -14.92
N ARG B 82 13.20 3.39 -14.24
CA ARG B 82 12.58 2.43 -13.33
C ARG B 82 12.03 1.20 -14.02
N CYS B 83 12.13 0.07 -13.34
CA CYS B 83 11.61 -1.20 -13.86
C CYS B 83 10.12 -1.07 -14.17
N PRO B 84 9.61 -1.87 -15.12
CA PRO B 84 8.19 -1.85 -15.51
C PRO B 84 7.24 -2.03 -14.31
N HIS B 85 7.70 -2.69 -13.27
CA HIS B 85 6.88 -2.91 -12.08
C HIS B 85 6.75 -1.63 -11.24
N HIS B 86 7.88 -1.10 -10.81
CA HIS B 86 7.90 0.10 -9.98
C HIS B 86 7.35 1.33 -10.72
N GLU B 87 7.36 1.26 -12.04
CA GLU B 87 6.86 2.34 -12.89
C GLU B 87 5.34 2.45 -12.75
N ARG B 88 4.70 1.34 -12.43
CA ARG B 88 3.24 1.25 -12.43
C ARG B 88 2.62 1.15 -11.03
N CYS B 89 3.38 1.34 -10.00
CA CYS B 89 2.76 1.40 -8.71
C CYS B 89 2.95 2.73 -8.12
N SER B 90 1.88 3.42 -7.74
CA SER B 90 2.05 4.78 -7.32
C SER B 90 2.91 4.79 -6.13
N ASP B 91 3.95 5.55 -6.31
CA ASP B 91 4.99 5.89 -5.40
C ASP B 91 5.02 7.38 -5.33
N SER B 92 3.96 8.06 -5.70
CA SER B 92 4.04 9.40 -6.18
C SER B 92 4.63 10.25 -5.16
N ASP B 93 5.51 11.11 -5.60
CA ASP B 93 6.17 12.01 -4.69
C ASP B 93 5.36 13.23 -4.45
N GLY B 94 4.36 13.40 -5.28
CA GLY B 94 3.66 14.61 -5.40
C GLY B 94 4.27 15.43 -6.49
N LEU B 95 5.45 15.07 -6.93
CA LEU B 95 6.14 15.86 -7.89
C LEU B 95 6.68 15.03 -8.95
N ALA B 96 7.36 14.01 -8.54
CA ALA B 96 8.13 13.20 -9.47
C ALA B 96 7.27 12.34 -10.38
N PRO B 97 7.58 12.34 -11.68
CA PRO B 97 7.02 11.38 -12.63
C PRO B 97 7.35 9.96 -12.19
N PRO B 98 6.44 9.00 -12.48
CA PRO B 98 6.58 7.62 -12.00
C PRO B 98 7.84 6.95 -12.51
N GLN B 99 8.26 7.31 -13.71
CA GLN B 99 9.34 6.60 -14.40
C GLN B 99 10.73 7.01 -13.93
N HIS B 100 10.85 8.21 -13.37
CA HIS B 100 12.15 8.70 -12.92
C HIS B 100 12.72 7.88 -11.77
N LEU B 101 14.01 7.56 -11.87
CA LEU B 101 14.69 6.81 -10.82
C LEU B 101 15.10 7.71 -9.66
N ILE B 102 15.77 8.81 -9.98
CA ILE B 102 16.28 9.72 -8.96
C ILE B 102 15.30 10.84 -8.64
N ARG B 103 14.96 10.98 -7.36
CA ARG B 103 14.07 12.04 -6.92
C ARG B 103 14.78 12.99 -5.95
N VAL B 104 14.15 14.14 -5.68
CA VAL B 104 14.67 15.08 -4.71
C VAL B 104 13.62 15.44 -3.67
N GLU B 105 13.95 15.23 -2.40
CA GLU B 105 13.03 15.53 -1.32
C GLU B 105 13.15 16.98 -0.87
N GLY B 106 12.03 17.55 -0.42
CA GLY B 106 12.04 18.86 0.19
C GLY B 106 12.00 20.04 -0.76
N ASN B 107 12.82 19.99 -1.80
CA ASN B 107 12.94 21.10 -2.74
C ASN B 107 11.73 21.21 -3.66
N LEU B 108 11.02 22.33 -3.56
CA LEU B 108 9.79 22.54 -4.33
C LEU B 108 10.06 23.13 -5.70
N ARG B 109 11.23 23.74 -5.87
CA ARG B 109 11.62 24.27 -7.17
C ARG B 109 12.37 23.21 -7.98
N VAL B 110 12.08 21.94 -7.68
CA VAL B 110 12.69 20.82 -8.38
C VAL B 110 12.05 20.66 -9.77
N GLU B 111 12.86 20.25 -10.74
CA GLU B 111 12.35 19.99 -12.08
C GLU B 111 12.80 18.61 -12.55
N TYR B 112 11.86 17.82 -13.08
CA TYR B 112 12.20 16.52 -13.62
C TYR B 112 12.31 16.57 -15.13
N LEU B 113 13.52 16.35 -15.64
CA LEU B 113 13.83 16.65 -17.02
C LEU B 113 14.06 15.43 -17.90
N ASP B 114 14.04 15.67 -19.21
CA ASP B 114 14.16 14.62 -20.22
C ASP B 114 14.88 15.24 -21.40
N ASP B 115 16.09 14.77 -21.68
CA ASP B 115 16.92 15.37 -22.71
C ASP B 115 16.36 15.15 -24.12
N ARG B 116 16.42 16.21 -24.92
CA ARG B 116 15.87 16.21 -26.27
C ARG B 116 16.55 15.16 -27.15
N ASN B 117 17.86 14.97 -26.93
CA ASN B 117 18.64 14.10 -27.79
C ASN B 117 19.05 12.78 -27.15
N THR B 118 19.61 12.83 -25.94
CA THR B 118 20.12 11.64 -25.29
C THR B 118 19.01 10.80 -24.64
N PHE B 119 17.82 11.39 -24.54
CA PHE B 119 16.64 10.75 -23.93
C PHE B 119 16.86 10.34 -22.47
N ARG B 120 17.83 10.95 -21.80
CA ARG B 120 18.19 10.54 -20.44
C ARG B 120 17.38 11.25 -19.36
N HIS B 121 17.20 10.62 -18.22
CA HIS B 121 16.43 11.19 -17.18
C HIS B 121 17.34 11.92 -16.27
N SER B 122 16.93 13.09 -15.81
CA SER B 122 17.75 13.96 -14.96
C SER B 122 16.87 14.79 -14.06
N VAL B 123 17.38 15.13 -12.88
CA VAL B 123 16.64 15.93 -11.92
C VAL B 123 17.45 17.16 -11.52
N VAL B 124 16.81 18.32 -11.55
CA VAL B 124 17.51 19.59 -11.36
C VAL B 124 16.89 20.46 -10.26
N VAL B 125 17.74 20.99 -9.39
CA VAL B 125 17.33 21.98 -8.40
C VAL B 125 18.23 23.21 -8.51
N PRO B 126 17.65 24.40 -8.27
CA PRO B 126 18.45 25.64 -8.30
C PRO B 126 19.45 25.65 -7.15
N TYR B 127 20.70 26.00 -7.44
CA TYR B 127 21.72 26.04 -6.39
C TYR B 127 21.43 27.13 -5.36
N GLU B 128 21.49 26.74 -4.09
CA GLU B 128 21.32 27.68 -3.00
C GLU B 128 22.55 27.63 -2.09
N PRO B 129 23.14 28.80 -1.79
CA PRO B 129 24.32 28.92 -0.94
C PRO B 129 24.11 28.28 0.43
N PRO B 130 25.20 27.85 1.09
CA PRO B 130 25.13 27.27 2.43
C PRO B 130 24.44 28.21 3.41
N GLU B 131 23.46 27.73 4.13
CA GLU B 131 22.85 28.61 5.09
C GLU B 131 23.78 28.47 6.21
N VAL B 132 24.65 29.44 6.36
CA VAL B 132 25.67 29.37 7.40
C VAL B 132 24.97 29.48 8.73
N GLY B 133 25.45 28.74 9.70
CA GLY B 133 26.78 28.18 9.74
C GLY B 133 26.99 26.80 9.18
N SER B 134 26.53 26.62 7.96
CA SER B 134 26.86 25.47 7.18
C SER B 134 27.92 25.93 6.24
N ASP B 135 28.81 25.06 5.87
CA ASP B 135 29.85 25.39 4.91
C ASP B 135 29.54 24.71 3.58
N CYS B 136 28.36 24.10 3.49
CA CYS B 136 27.95 23.37 2.30
C CYS B 136 26.43 23.26 2.20
N THR B 137 25.96 22.96 1.00
CA THR B 137 24.53 22.75 0.76
C THR B 137 24.24 21.26 0.64
N THR B 138 23.23 20.78 1.36
CA THR B 138 22.89 19.36 1.38
C THR B 138 21.59 19.08 0.61
N ILE B 139 21.62 18.06 -0.24
CA ILE B 139 20.46 17.68 -1.04
C ILE B 139 20.01 16.26 -0.70
N HIS B 140 18.70 16.07 -0.49
CA HIS B 140 18.15 14.76 -0.19
C HIS B 140 17.69 14.04 -1.45
N TYR B 141 18.44 13.03 -1.86
CA TYR B 141 18.11 12.25 -3.05
C TYR B 141 17.43 10.93 -2.71
N ASN B 142 16.49 10.52 -3.57
CA ASN B 142 15.88 9.21 -3.47
C ASN B 142 16.19 8.37 -4.70
N TYR B 143 16.31 7.06 -4.50
CA TYR B 143 16.46 6.13 -5.62
C TYR B 143 15.28 5.16 -5.60
N MET B 144 14.47 5.21 -6.64
CA MET B 144 13.17 4.54 -6.65
C MET B 144 13.18 3.15 -7.27
N CYS B 145 14.33 2.48 -7.20
CA CYS B 145 14.45 1.11 -7.71
C CYS B 145 15.71 0.46 -7.18
N ASN B 146 15.61 -0.78 -6.73
CA ASN B 146 16.77 -1.56 -6.34
C ASN B 146 17.65 -1.80 -7.56
N SER B 147 18.96 -1.83 -7.36
CA SER B 147 19.90 -2.06 -8.45
C SER B 147 19.64 -3.38 -9.15
N SER B 148 19.01 -4.32 -8.45
CA SER B 148 18.77 -5.65 -8.97
C SER B 148 17.39 -5.81 -9.60
N CYS B 149 16.68 -4.70 -9.75
CA CYS B 149 15.31 -4.74 -10.28
C CYS B 149 15.23 -5.33 -11.68
N MET B 150 14.47 -6.42 -11.79
CA MET B 150 14.26 -7.08 -13.07
C MET B 150 13.49 -6.18 -14.03
N GLY B 151 14.07 -5.94 -15.20
CA GLY B 151 13.45 -5.07 -16.19
C GLY B 151 13.94 -3.64 -16.08
N GLY B 152 14.60 -3.33 -14.97
CA GLY B 152 15.17 -2.02 -14.74
C GLY B 152 16.67 -2.04 -14.91
N MET B 153 17.38 -1.72 -13.86
CA MET B 153 18.83 -1.74 -13.86
C MET B 153 19.39 -3.14 -13.94
N ASN B 154 18.62 -4.06 -13.46
CA ASN B 154 18.93 -5.48 -13.64
C ASN B 154 20.33 -5.89 -13.17
N ARG B 155 20.62 -5.59 -11.91
CA ARG B 155 21.90 -5.94 -11.29
C ARG B 155 23.12 -5.27 -11.92
N ARG B 156 22.89 -4.24 -12.74
CA ARG B 156 23.97 -3.47 -13.33
C ARG B 156 24.28 -2.25 -12.46
N PRO B 157 25.56 -2.09 -12.07
CA PRO B 157 25.98 -0.96 -11.24
C PRO B 157 25.79 0.37 -11.95
N ILE B 158 25.63 1.47 -11.24
CA ILE B 158 25.46 2.73 -11.89
C ILE B 158 26.26 3.81 -11.25
N LEU B 159 26.38 4.90 -11.96
CA LEU B 159 27.04 6.11 -11.47
C LEU B 159 26.02 7.25 -11.43
N THR B 160 26.06 8.05 -10.37
CA THR B 160 25.27 9.26 -10.30
C THR B 160 26.15 10.46 -10.60
N ILE B 161 25.81 11.20 -11.64
CA ILE B 161 26.60 12.35 -12.05
C ILE B 161 25.98 13.67 -11.60
N ILE B 162 26.62 14.33 -10.64
CA ILE B 162 26.18 15.64 -10.18
C ILE B 162 26.91 16.74 -10.93
N THR B 163 26.17 17.53 -11.69
CA THR B 163 26.77 18.59 -12.49
C THR B 163 26.29 19.97 -12.04
N LEU B 164 27.23 20.89 -11.90
CA LEU B 164 26.90 22.29 -11.62
C LEU B 164 26.77 23.02 -12.94
N GLU B 165 25.61 23.58 -13.20
CA GLU B 165 25.35 24.22 -14.49
C GLU B 165 24.85 25.65 -14.33
N ASP B 166 25.10 26.47 -15.35
CA ASP B 166 24.50 27.80 -15.41
C ASP B 166 23.06 27.67 -15.92
N SER B 167 22.41 28.81 -16.16
CA SER B 167 21.01 28.80 -16.57
C SER B 167 20.78 28.09 -17.90
N SER B 168 21.77 28.19 -18.80
CA SER B 168 21.65 27.62 -20.14
C SER B 168 21.92 26.12 -20.17
N GLY B 169 22.72 25.64 -19.23
CA GLY B 169 23.05 24.23 -19.16
C GLY B 169 24.51 23.96 -19.43
N ASN B 170 25.29 25.02 -19.51
CA ASN B 170 26.74 24.89 -19.68
C ASN B 170 27.39 24.30 -18.44
N LEU B 171 28.43 23.50 -18.64
CA LEU B 171 29.11 22.85 -17.52
C LEU B 171 29.95 23.85 -16.72
N LEU B 172 29.86 23.77 -15.41
CA LEU B 172 30.68 24.59 -14.53
C LEU B 172 31.53 23.69 -13.65
N GLY B 173 30.93 22.59 -13.18
CA GLY B 173 31.62 21.62 -12.36
C GLY B 173 30.90 20.28 -12.37
N ARG B 174 31.65 19.20 -12.20
CA ARG B 174 31.07 17.86 -12.26
C ARG B 174 31.82 16.83 -11.42
N ASN B 175 31.08 16.13 -10.57
CA ASN B 175 31.62 15.00 -9.81
C ASN B 175 30.69 13.81 -9.93
N SER B 176 31.14 12.65 -9.45
CA SER B 176 30.34 11.43 -9.58
C SER B 176 30.65 10.40 -8.50
N PHE B 177 29.74 9.45 -8.33
CA PHE B 177 29.92 8.35 -7.40
C PHE B 177 29.07 7.14 -7.80
N GLU B 178 29.52 5.95 -7.42
CA GLU B 178 28.79 4.72 -7.73
C GLU B 178 27.64 4.51 -6.77
N VAL B 179 26.55 3.91 -7.26
CA VAL B 179 25.38 3.68 -6.42
C VAL B 179 24.90 2.23 -6.50
N ARG B 180 24.73 1.62 -5.33
CA ARG B 180 24.06 0.33 -5.23
C ARG B 180 22.80 0.49 -4.41
N VAL B 181 21.66 0.25 -5.03
CA VAL B 181 20.39 0.30 -4.31
C VAL B 181 19.98 -1.11 -3.93
N CYS B 182 20.12 -1.45 -2.66
CA CYS B 182 19.87 -2.81 -2.20
C CYS B 182 19.01 -2.81 -0.94
N ALA B 183 18.66 -4.02 -0.48
CA ALA B 183 17.85 -4.17 0.72
C ALA B 183 18.72 -3.96 1.97
N CYS B 184 19.97 -4.44 1.89
CA CYS B 184 20.89 -4.37 3.02
C CYS B 184 22.17 -3.63 2.65
N PRO B 185 22.17 -2.30 2.81
CA PRO B 185 23.33 -1.47 2.49
C PRO B 185 24.54 -1.82 3.35
N GLY B 186 24.31 -1.94 4.66
CA GLY B 186 25.38 -2.22 5.60
C GLY B 186 26.08 -3.54 5.32
N ARG B 187 25.31 -4.56 4.97
CA ARG B 187 25.86 -5.85 4.64
C ARG B 187 26.66 -5.81 3.34
N ASP B 188 26.05 -5.29 2.29
CA ASP B 188 26.66 -5.28 0.97
C ASP B 188 27.89 -4.39 0.87
N ARG B 189 27.94 -3.32 1.66
CA ARG B 189 29.11 -2.46 1.68
C ARG B 189 30.26 -3.17 2.39
N ARG B 190 29.96 -3.76 3.54
CA ARG B 190 30.94 -4.47 4.34
C ARG B 190 31.56 -5.62 3.55
N THR B 191 30.72 -6.26 2.72
CA THR B 191 31.16 -7.36 1.87
C THR B 191 32.13 -6.88 0.79
N GLU B 192 31.70 -5.89 0.00
CA GLU B 192 32.50 -5.40 -1.12
C GLU B 192 33.81 -4.74 -0.67
N GLU B 193 33.84 -4.14 0.50
CA GLU B 193 35.07 -3.53 0.99
C GLU B 193 36.07 -4.60 1.34
N GLU B 194 35.60 -5.53 2.14
CA GLU B 194 36.37 -6.66 2.62
C GLU B 194 36.67 -7.60 1.49
N ASN B 195 36.51 -7.10 0.28
CA ASN B 195 36.79 -7.84 -0.92
C ASN B 195 37.75 -7.03 -1.76
N LEU B 196 37.83 -5.74 -1.51
CA LEU B 196 38.65 -4.85 -2.32
C LEU B 196 40.02 -4.76 -1.82
N ARG B 197 40.18 -5.07 -0.57
CA ARG B 197 41.46 -5.04 0.03
C ARG B 197 41.62 -6.47 0.41
N LYS B 198 42.65 -7.13 -0.11
CA LYS B 198 43.26 -6.78 -1.36
C LYS B 198 42.74 -7.92 -2.14
N SER C 2 -33.59 1.12 10.80
CA SER C 2 -33.96 1.36 12.20
C SER C 2 -34.54 0.10 12.82
N SER C 3 -35.63 -0.40 12.26
CA SER C 3 -36.25 -1.64 12.70
C SER C 3 -35.26 -2.79 12.61
N VAL C 4 -35.17 -3.56 13.69
CA VAL C 4 -34.16 -4.62 13.80
C VAL C 4 -34.59 -5.91 13.14
N PRO C 5 -33.87 -6.32 12.08
CA PRO C 5 -34.10 -7.61 11.42
C PRO C 5 -33.80 -8.76 12.39
N SER C 6 -34.59 -9.82 12.33
CA SER C 6 -34.42 -10.96 13.22
C SER C 6 -33.09 -11.65 12.99
N GLN C 7 -32.50 -12.20 14.05
CA GLN C 7 -31.22 -12.90 13.95
C GLN C 7 -31.37 -14.35 14.36
N LYS C 8 -32.58 -14.75 14.72
CA LYS C 8 -32.85 -16.12 15.14
C LYS C 8 -32.51 -17.11 14.03
N THR C 9 -31.62 -18.06 14.34
CA THR C 9 -31.21 -19.06 13.37
C THR C 9 -32.40 -19.91 12.92
N TYR C 10 -32.65 -19.90 11.62
CA TYR C 10 -33.79 -20.60 11.04
C TYR C 10 -33.38 -21.31 9.74
N GLN C 11 -33.24 -22.63 9.82
CA GLN C 11 -32.76 -23.42 8.69
C GLN C 11 -33.82 -23.56 7.59
N GLY C 12 -35.08 -23.50 7.97
CA GLY C 12 -36.16 -23.54 7.00
C GLY C 12 -36.37 -24.90 6.35
N SER C 13 -37.08 -24.88 5.21
CA SER C 13 -37.44 -26.11 4.52
C SER C 13 -36.31 -26.74 3.73
N TYR C 14 -35.17 -26.04 3.64
CA TYR C 14 -34.06 -26.50 2.84
C TYR C 14 -32.82 -26.85 3.66
N GLY C 15 -32.95 -26.77 4.98
CA GLY C 15 -31.85 -27.07 5.88
C GLY C 15 -30.64 -26.18 5.64
N PHE C 16 -30.87 -24.88 5.67
CA PHE C 16 -29.84 -23.90 5.36
C PHE C 16 -28.84 -23.71 6.50
N ARG C 17 -27.63 -24.23 6.31
CA ARG C 17 -26.57 -24.13 7.31
C ARG C 17 -25.39 -23.35 6.77
N LEU C 18 -24.56 -22.83 7.67
CA LEU C 18 -23.36 -22.10 7.28
C LEU C 18 -22.10 -22.90 7.55
N GLY C 19 -21.14 -22.81 6.64
CA GLY C 19 -19.88 -23.50 6.80
C GLY C 19 -18.71 -22.55 6.69
N PHE C 20 -17.59 -22.92 7.32
CA PHE C 20 -16.39 -22.09 7.27
C PHE C 20 -15.15 -22.96 7.12
N LEU C 21 -14.03 -22.33 6.81
CA LEU C 21 -12.76 -23.05 6.67
C LEU C 21 -12.01 -23.09 8.00
N HIS C 22 -11.32 -24.18 8.24
CA HIS C 22 -10.48 -24.26 9.40
C HIS C 22 -9.16 -23.69 9.00
N SER C 23 -8.85 -22.52 9.49
CA SER C 23 -7.65 -21.78 9.09
C SER C 23 -6.60 -21.70 10.18
N GLY C 24 -7.02 -21.86 11.43
CA GLY C 24 -6.11 -21.83 12.56
C GLY C 24 -5.65 -20.44 12.95
N THR C 25 -5.27 -20.27 14.21
CA THR C 25 -4.82 -18.98 14.70
C THR C 25 -3.30 -18.85 14.56
N ALA C 26 -2.85 -18.71 13.31
CA ALA C 26 -1.41 -18.73 13.02
C ALA C 26 -0.73 -17.37 13.15
OH ALY C 27 1.50 -9.40 13.17
CH ALY C 27 2.12 -10.00 14.03
CH3 ALY C 27 3.62 -10.02 14.04
NZ ALY C 27 1.50 -10.68 15.01
CE ALY C 27 1.75 -12.09 15.22
CD ALY C 27 0.74 -12.78 16.13
CG ALY C 27 -0.39 -13.42 15.33
CB ALY C 27 -0.04 -14.78 14.69
CA ALY C 27 -0.98 -14.97 13.51
N ALY C 27 -1.52 -16.32 13.35
C ALY C 27 -0.35 -14.46 12.25
O ALY C 27 0.43 -13.49 12.28
N SER C 28 -0.68 -15.09 11.14
CA SER C 28 -0.22 -14.68 9.83
C SER C 28 -1.34 -14.96 8.85
N VAL C 29 -2.50 -15.32 9.40
CA VAL C 29 -3.69 -15.64 8.61
C VAL C 29 -4.49 -14.35 8.37
N THR C 30 -5.26 -14.33 7.28
CA THR C 30 -6.04 -13.15 6.92
C THR C 30 -7.49 -13.27 7.36
N CYS C 31 -7.93 -14.50 7.60
CA CYS C 31 -9.30 -14.75 8.04
C CYS C 31 -9.44 -16.11 8.71
N THR C 32 -10.06 -16.12 9.89
CA THR C 32 -10.27 -17.37 10.61
C THR C 32 -11.60 -17.36 11.37
N TYR C 33 -12.16 -18.54 11.60
CA TYR C 33 -13.45 -18.67 12.25
C TYR C 33 -13.36 -19.43 13.57
N SER C 34 -14.01 -18.89 14.60
CA SER C 34 -14.04 -19.52 15.91
C SER C 34 -15.40 -20.16 16.17
N PRO C 35 -15.45 -21.50 16.12
CA PRO C 35 -16.68 -22.28 16.30
C PRO C 35 -17.33 -22.06 17.67
N ALA C 36 -16.51 -21.86 18.69
CA ALA C 36 -17.00 -21.65 20.05
C ALA C 36 -17.68 -20.29 20.19
N LEU C 37 -17.10 -19.27 19.57
CA LEU C 37 -17.63 -17.92 19.65
C LEU C 37 -18.62 -17.64 18.52
N ASN C 38 -18.64 -18.54 17.53
CA ASN C 38 -19.40 -18.33 16.30
C ASN C 38 -19.00 -16.99 15.68
N LYS C 39 -17.70 -16.71 15.71
CA LYS C 39 -17.20 -15.39 15.34
C LYS C 39 -16.09 -15.47 14.31
N MET C 40 -16.15 -14.61 13.30
CA MET C 40 -15.13 -14.56 12.28
C MET C 40 -14.19 -13.38 12.47
N PHE C 41 -12.91 -13.69 12.68
CA PHE C 41 -11.87 -12.68 12.78
C PHE C 41 -11.20 -12.54 11.42
N CYS C 42 -11.14 -11.33 10.89
CA CYS C 42 -10.63 -11.12 9.53
C CYS C 42 -9.99 -9.76 9.35
N GLN C 43 -9.10 -9.67 8.36
CA GLN C 43 -8.45 -8.41 8.05
C GLN C 43 -9.31 -7.52 7.15
N LEU C 44 -8.96 -6.24 7.12
CA LEU C 44 -9.68 -5.25 6.32
C LEU C 44 -9.58 -5.53 4.82
N ALA C 45 -10.74 -5.57 4.16
CA ALA C 45 -10.83 -5.72 2.70
C ALA C 45 -10.29 -7.04 2.15
N LYS C 46 -9.94 -7.97 3.02
CA LYS C 46 -9.42 -9.26 2.60
C LYS C 46 -10.55 -10.28 2.47
N THR C 47 -10.26 -11.40 1.80
CA THR C 47 -11.27 -12.39 1.46
C THR C 47 -11.81 -13.16 2.67
N CYS C 48 -13.13 -13.20 2.78
CA CYS C 48 -13.79 -14.00 3.81
C CYS C 48 -14.67 -15.06 3.17
N PRO C 49 -14.16 -16.30 3.08
CA PRO C 49 -14.90 -17.43 2.50
C PRO C 49 -16.04 -17.90 3.41
N VAL C 50 -17.27 -17.85 2.91
CA VAL C 50 -18.42 -18.33 3.66
C VAL C 50 -19.15 -19.41 2.87
N GLN C 51 -19.32 -20.58 3.48
CA GLN C 51 -19.94 -21.72 2.80
C GLN C 51 -21.43 -21.80 3.06
N LEU C 52 -22.17 -22.28 2.06
CA LEU C 52 -23.62 -22.43 2.16
C LEU C 52 -24.02 -23.90 2.01
N TRP C 53 -24.49 -24.49 3.09
CA TRP C 53 -24.88 -25.90 3.09
C TRP C 53 -26.40 -26.06 3.09
N VAL C 54 -26.91 -26.89 2.19
CA VAL C 54 -28.34 -27.14 2.09
C VAL C 54 -28.63 -28.64 1.95
N ASP C 55 -29.74 -29.08 2.53
CA ASP C 55 -30.15 -30.47 2.41
C ASP C 55 -30.78 -30.71 1.05
N SER C 56 -31.37 -29.66 0.49
CA SER C 56 -32.06 -29.77 -0.80
C SER C 56 -31.94 -28.49 -1.60
N THR C 57 -31.67 -28.62 -2.89
CA THR C 57 -31.49 -27.47 -3.77
C THR C 57 -32.76 -26.64 -3.91
N PRO C 58 -32.69 -25.36 -3.52
CA PRO C 58 -33.79 -24.39 -3.61
C PRO C 58 -34.14 -24.11 -5.07
N PRO C 59 -35.34 -23.57 -5.32
CA PRO C 59 -35.77 -23.20 -6.67
C PRO C 59 -34.88 -22.12 -7.28
N PRO C 60 -34.78 -22.08 -8.62
CA PRO C 60 -33.98 -21.04 -9.28
C PRO C 60 -34.58 -19.67 -9.05
N GLY C 61 -33.75 -18.63 -9.08
CA GLY C 61 -34.19 -17.29 -8.77
C GLY C 61 -34.00 -17.02 -7.29
N THR C 62 -33.53 -18.03 -6.57
CA THR C 62 -33.22 -17.88 -5.15
C THR C 62 -31.96 -17.06 -4.99
N ARG C 63 -31.99 -16.09 -4.07
CA ARG C 63 -30.83 -15.25 -3.81
C ARG C 63 -30.42 -15.33 -2.35
N VAL C 64 -29.20 -14.90 -2.05
CA VAL C 64 -28.74 -14.84 -0.68
C VAL C 64 -28.42 -13.39 -0.30
N ARG C 65 -28.72 -13.03 0.94
CA ARG C 65 -28.55 -11.66 1.40
C ARG C 65 -27.68 -11.57 2.64
N ALA C 66 -26.73 -10.65 2.62
CA ALA C 66 -25.87 -10.42 3.77
C ALA C 66 -26.08 -9.00 4.32
N MET C 67 -26.32 -8.91 5.62
CA MET C 67 -26.54 -7.62 6.28
C MET C 67 -25.80 -7.56 7.61
N ALA C 68 -25.27 -6.38 7.92
CA ALA C 68 -24.56 -6.19 9.17
C ALA C 68 -25.39 -5.41 10.20
N ILE C 69 -25.43 -5.92 11.42
CA ILE C 69 -26.15 -5.27 12.51
C ILE C 69 -25.28 -5.27 13.77
N TYR C 70 -25.36 -4.19 14.55
CA TYR C 70 -24.61 -4.10 15.80
C TYR C 70 -25.11 -5.11 16.82
N LYS C 71 -24.18 -5.81 17.47
CA LYS C 71 -24.52 -6.88 18.40
C LYS C 71 -25.21 -6.39 19.66
N GLN C 72 -24.62 -5.39 20.31
CA GLN C 72 -25.17 -4.85 21.55
C GLN C 72 -26.56 -4.25 21.32
N SER C 73 -27.46 -4.46 22.27
CA SER C 73 -28.83 -3.97 22.18
C SER C 73 -28.90 -2.44 22.17
N GLN C 74 -27.89 -1.82 22.77
CA GLN C 74 -27.83 -0.37 22.88
C GLN C 74 -27.64 0.29 21.52
N HIS C 75 -27.03 -0.44 20.60
CA HIS C 75 -26.65 0.11 19.30
C HIS C 75 -27.40 -0.52 18.13
N MET C 76 -28.33 -1.43 18.41
CA MET C 76 -29.03 -2.19 17.38
C MET C 76 -29.78 -1.31 16.38
N THR C 77 -30.37 -0.22 16.86
CA THR C 77 -31.19 0.65 16.03
C THR C 77 -30.36 1.45 15.03
N GLU C 78 -29.05 1.50 15.25
CA GLU C 78 -28.14 2.28 14.40
C GLU C 78 -27.66 1.48 13.18
N VAL C 79 -27.69 2.11 12.02
CA VAL C 79 -27.26 1.48 10.78
C VAL C 79 -25.75 1.29 10.75
N VAL C 80 -25.31 0.13 10.28
CA VAL C 80 -23.88 -0.16 10.17
C VAL C 80 -23.31 0.43 8.89
N ARG C 81 -22.43 1.40 9.03
CA ARG C 81 -21.88 2.09 7.90
C ARG C 81 -20.38 2.11 7.96
N ARG C 82 -19.75 2.61 6.92
CA ARG C 82 -18.34 2.70 6.90
C ARG C 82 -17.88 4.00 7.54
N CYS C 83 -16.72 4.01 8.17
CA CYS C 83 -16.23 5.24 8.76
C CYS C 83 -16.04 6.30 7.67
N PRO C 84 -16.20 7.58 8.04
CA PRO C 84 -16.09 8.70 7.09
C PRO C 84 -14.79 8.68 6.28
N HIS C 85 -13.78 8.04 6.79
CA HIS C 85 -12.52 8.03 6.15
C HIS C 85 -12.60 7.10 5.00
N HIS C 86 -12.79 5.84 5.32
CA HIS C 86 -12.81 4.79 4.32
C HIS C 86 -13.90 4.98 3.27
N GLU C 87 -14.90 5.80 3.61
CA GLU C 87 -15.98 6.11 2.68
C GLU C 87 -15.47 7.00 1.55
N ARG C 88 -14.52 7.88 1.87
CA ARG C 88 -13.94 8.77 0.88
C ARG C 88 -12.53 8.30 0.49
N CYS C 89 -12.28 7.02 0.63
CA CYS C 89 -10.95 6.46 0.37
C CYS C 89 -10.73 6.13 -1.10
N SER C 90 -11.82 5.96 -1.84
CA SER C 90 -11.75 5.60 -3.25
C SER C 90 -11.10 4.24 -3.48
N ASP C 91 -11.81 3.17 -3.12
CA ASP C 91 -11.31 1.81 -3.30
C ASP C 91 -12.37 0.91 -3.93
N SER C 92 -13.40 1.55 -4.49
CA SER C 92 -14.54 0.84 -5.05
C SER C 92 -14.13 -0.14 -6.15
N ASP C 93 -14.79 -1.30 -6.17
CA ASP C 93 -14.52 -2.31 -7.17
C ASP C 93 -15.26 -2.00 -8.47
N GLY C 94 -15.97 -0.88 -8.49
CA GLY C 94 -16.74 -0.48 -9.64
C GLY C 94 -18.19 -0.92 -9.51
N LEU C 95 -18.45 -1.75 -8.50
CA LEU C 95 -19.78 -2.28 -8.26
C LEU C 95 -20.37 -1.80 -6.95
N ALA C 96 -19.58 -1.89 -5.89
CA ALA C 96 -20.05 -1.55 -4.55
C ALA C 96 -20.06 -0.06 -4.28
N PRO C 97 -21.15 0.45 -3.70
CA PRO C 97 -21.21 1.83 -3.20
C PRO C 97 -20.14 2.05 -2.14
N PRO C 98 -19.61 3.28 -2.05
CA PRO C 98 -18.51 3.59 -1.12
C PRO C 98 -18.87 3.35 0.33
N GLN C 99 -20.11 3.65 0.71
CA GLN C 99 -20.50 3.61 2.12
C GLN C 99 -20.72 2.19 2.65
N HIS C 100 -20.96 1.24 1.75
CA HIS C 100 -21.25 -0.13 2.14
C HIS C 100 -20.06 -0.85 2.79
N LEU C 101 -20.34 -1.52 3.91
CA LEU C 101 -19.32 -2.26 4.65
C LEU C 101 -19.02 -3.61 4.04
N ILE C 102 -20.08 -4.36 3.74
CA ILE C 102 -19.93 -5.73 3.24
C ILE C 102 -19.99 -5.78 1.72
N ARG C 103 -18.95 -6.34 1.11
CA ARG C 103 -18.88 -6.50 -0.34
C ARG C 103 -18.80 -7.97 -0.73
N VAL C 104 -19.10 -8.24 -2.01
CA VAL C 104 -18.94 -9.59 -2.55
C VAL C 104 -18.03 -9.55 -3.77
N GLU C 105 -16.91 -10.25 -3.69
CA GLU C 105 -15.98 -10.32 -4.81
C GLU C 105 -16.14 -11.65 -5.53
N GLY C 106 -15.90 -11.64 -6.84
CA GLY C 106 -15.98 -12.84 -7.64
C GLY C 106 -17.32 -12.99 -8.35
N ASN C 107 -18.41 -12.68 -7.65
CA ASN C 107 -19.74 -12.80 -8.23
C ASN C 107 -20.06 -11.62 -9.15
N LEU C 108 -20.57 -11.93 -10.34
CA LEU C 108 -20.76 -10.93 -11.37
C LEU C 108 -22.11 -10.22 -11.29
N ARG C 109 -23.14 -10.94 -10.84
CA ARG C 109 -24.48 -10.37 -10.76
C ARG C 109 -24.86 -10.04 -9.33
N VAL C 110 -23.92 -9.44 -8.60
CA VAL C 110 -24.15 -8.98 -7.24
C VAL C 110 -24.97 -7.69 -7.27
N GLU C 111 -25.83 -7.50 -6.27
CA GLU C 111 -26.58 -6.26 -6.13
C GLU C 111 -26.41 -5.67 -4.73
N TYR C 112 -26.35 -4.35 -4.64
CA TYR C 112 -26.22 -3.68 -3.36
C TYR C 112 -27.46 -2.87 -3.03
N LEU C 113 -28.01 -3.08 -1.84
CA LEU C 113 -29.27 -2.45 -1.46
C LEU C 113 -29.09 -1.34 -0.42
N ASP C 114 -29.73 -0.21 -0.69
CA ASP C 114 -29.87 0.84 0.31
C ASP C 114 -31.35 0.93 0.63
N ASP C 115 -31.77 0.18 1.64
CA ASP C 115 -33.18 0.03 1.99
C ASP C 115 -33.90 1.37 2.18
N ARG C 116 -34.97 1.56 1.43
CA ARG C 116 -35.72 2.82 1.43
C ARG C 116 -36.25 3.19 2.81
N ASN C 117 -36.73 2.20 3.56
CA ASN C 117 -37.36 2.47 4.84
C ASN C 117 -36.42 2.32 6.04
N THR C 118 -35.77 1.16 6.14
CA THR C 118 -34.94 0.85 7.30
C THR C 118 -33.55 1.48 7.23
N PHE C 119 -33.22 2.04 6.06
CA PHE C 119 -31.92 2.70 5.82
C PHE C 119 -30.73 1.74 5.91
N ARG C 120 -30.98 0.46 6.08
CA ARG C 120 -29.91 -0.51 6.32
C ARG C 120 -29.22 -0.97 5.03
N HIS C 121 -27.93 -1.27 5.14
CA HIS C 121 -27.16 -1.75 4.00
C HIS C 121 -27.23 -3.27 3.86
N SER C 122 -27.40 -3.74 2.63
CA SER C 122 -27.47 -5.17 2.36
C SER C 122 -26.91 -5.49 0.98
N VAL C 123 -26.33 -6.68 0.85
CA VAL C 123 -25.74 -7.12 -0.40
C VAL C 123 -26.26 -8.49 -0.81
N VAL C 124 -26.65 -8.64 -2.08
CA VAL C 124 -27.24 -9.90 -2.53
C VAL C 124 -26.57 -10.49 -3.77
N VAL C 125 -26.58 -11.82 -3.84
CA VAL C 125 -26.14 -12.57 -5.01
C VAL C 125 -27.12 -13.70 -5.24
N PRO C 126 -27.34 -14.07 -6.52
CA PRO C 126 -28.24 -15.20 -6.81
C PRO C 126 -27.63 -16.51 -6.35
N TYR C 127 -28.40 -17.35 -5.68
CA TYR C 127 -27.89 -18.61 -5.19
C TYR C 127 -27.53 -19.55 -6.32
N GLU C 128 -26.45 -20.30 -6.14
CA GLU C 128 -26.03 -21.26 -7.12
C GLU C 128 -25.75 -22.61 -6.48
N PRO C 129 -26.34 -23.70 -7.11
CA PRO C 129 -26.09 -24.99 -6.46
C PRO C 129 -24.64 -25.44 -6.51
N PRO C 130 -24.24 -26.32 -5.52
CA PRO C 130 -22.83 -26.70 -5.60
C PRO C 130 -22.46 -27.36 -6.91
N GLU C 131 -21.29 -26.99 -7.40
CA GLU C 131 -20.75 -27.46 -8.67
C GLU C 131 -20.88 -28.93 -8.52
N VAL C 132 -20.87 -29.64 -9.63
CA VAL C 132 -21.15 -31.04 -9.57
C VAL C 132 -20.06 -31.64 -8.77
N GLY C 133 -20.46 -32.41 -7.76
CA GLY C 133 -19.55 -33.09 -6.85
C GLY C 133 -19.13 -32.26 -5.64
N SER C 134 -19.48 -30.99 -5.63
CA SER C 134 -19.30 -30.23 -4.41
C SER C 134 -20.45 -30.42 -3.46
N ASP C 135 -20.26 -29.86 -2.30
CA ASP C 135 -21.07 -30.19 -1.18
C ASP C 135 -21.63 -28.92 -0.74
N CYS C 136 -21.14 -27.85 -1.33
CA CYS C 136 -21.58 -26.54 -0.86
C CYS C 136 -21.16 -25.40 -1.79
N THR C 137 -21.85 -24.27 -1.69
CA THR C 137 -21.51 -23.08 -2.47
C THR C 137 -20.75 -22.10 -1.57
N THR C 138 -19.61 -21.62 -2.05
CA THR C 138 -18.78 -20.69 -1.30
C THR C 138 -18.89 -19.26 -1.81
N ILE C 139 -19.09 -18.33 -0.90
CA ILE C 139 -19.18 -16.91 -1.24
C ILE C 139 -18.05 -16.12 -0.58
N HIS C 140 -17.39 -15.29 -1.35
CA HIS C 140 -16.34 -14.49 -0.79
C HIS C 140 -16.82 -13.13 -0.44
N TYR C 141 -16.77 -12.85 0.85
CA TYR C 141 -17.16 -11.54 1.37
C TYR C 141 -15.95 -10.68 1.73
N ASN C 142 -16.10 -9.37 1.64
CA ASN C 142 -15.08 -8.47 2.13
C ASN C 142 -15.73 -7.60 3.13
N TYR C 143 -14.99 -7.17 4.13
CA TYR C 143 -15.42 -6.18 5.11
C TYR C 143 -14.57 -4.93 4.97
N MET C 144 -15.22 -3.81 4.65
CA MET C 144 -14.50 -2.61 4.23
C MET C 144 -14.21 -1.61 5.34
N CYS C 145 -14.14 -2.09 6.58
CA CYS C 145 -13.77 -1.26 7.72
C CYS C 145 -13.37 -2.13 8.91
N ASN C 146 -12.29 -1.75 9.59
CA ASN C 146 -11.93 -2.39 10.84
C ASN C 146 -13.03 -2.16 11.87
N SER C 147 -13.23 -3.13 12.76
CA SER C 147 -14.25 -3.00 13.80
C SER C 147 -13.99 -1.80 14.73
N SER C 148 -12.74 -1.37 14.79
CA SER C 148 -12.33 -0.32 15.70
C SER C 148 -12.29 1.06 15.04
N CYS C 149 -12.73 1.11 13.78
CA CYS C 149 -12.68 2.35 12.99
C CYS C 149 -13.41 3.51 13.65
N MET C 150 -12.71 4.60 13.90
CA MET C 150 -13.27 5.74 14.58
C MET C 150 -14.22 6.49 13.71
N GLY C 151 -15.50 6.33 13.88
CA GLY C 151 -16.47 7.03 13.09
C GLY C 151 -17.47 6.13 12.46
N GLY C 152 -17.32 4.87 12.75
CA GLY C 152 -18.22 3.87 12.29
C GLY C 152 -18.24 2.93 13.43
N MET C 153 -18.06 1.66 13.18
CA MET C 153 -18.29 0.66 14.19
C MET C 153 -17.66 0.98 15.52
N ASN C 154 -16.62 1.74 15.46
CA ASN C 154 -16.07 2.31 16.69
C ASN C 154 -15.93 1.29 17.82
N ARG C 155 -15.21 0.21 17.55
CA ARG C 155 -14.95 -0.85 18.52
C ARG C 155 -16.21 -1.60 19.00
N ARG C 156 -17.34 -1.36 18.35
CA ARG C 156 -18.57 -2.09 18.65
C ARG C 156 -18.65 -3.34 17.77
N PRO C 157 -18.79 -4.52 18.39
CA PRO C 157 -18.89 -5.78 17.66
C PRO C 157 -20.18 -5.87 16.86
N ILE C 158 -20.15 -6.54 15.71
CA ILE C 158 -21.33 -6.64 14.86
C ILE C 158 -21.64 -8.09 14.52
N LEU C 159 -22.81 -8.29 13.92
CA LEU C 159 -23.23 -9.60 13.43
C LEU C 159 -23.52 -9.52 11.93
N THR C 160 -23.14 -10.57 11.20
CA THR C 160 -23.49 -10.66 9.79
C THR C 160 -24.63 -11.64 9.62
N ILE C 161 -25.73 -11.19 9.07
CA ILE C 161 -26.87 -12.04 8.88
C ILE C 161 -26.98 -12.48 7.45
N ILE C 162 -26.77 -13.77 7.24
CA ILE C 162 -26.93 -14.39 5.93
C ILE C 162 -28.37 -14.90 5.80
N THR C 163 -29.08 -14.37 4.81
CA THR C 163 -30.49 -14.71 4.62
C THR C 163 -30.76 -15.28 3.22
N LEU C 164 -31.41 -16.44 3.19
CA LEU C 164 -31.77 -17.07 1.94
C LEU C 164 -33.16 -16.62 1.51
N GLU C 165 -33.26 -16.03 0.32
CA GLU C 165 -34.53 -15.47 -0.16
C GLU C 165 -34.94 -16.04 -1.50
N ASP C 166 -36.25 -16.14 -1.72
CA ASP C 166 -36.79 -16.46 -3.03
C ASP C 166 -36.74 -15.19 -3.87
N SER C 167 -37.14 -15.28 -5.13
CA SER C 167 -37.07 -14.14 -6.05
C SER C 167 -37.94 -12.97 -5.57
N SER C 168 -38.99 -13.29 -4.82
CA SER C 168 -39.91 -12.27 -4.31
C SER C 168 -39.29 -11.48 -3.17
N GLY C 169 -38.49 -12.15 -2.35
CA GLY C 169 -37.85 -11.50 -1.22
C GLY C 169 -38.28 -12.10 0.10
N ASN C 170 -39.01 -13.20 0.04
CA ASN C 170 -39.48 -13.89 1.24
C ASN C 170 -38.37 -14.66 1.92
N LEU C 171 -38.49 -14.86 3.23
CA LEU C 171 -37.50 -15.60 3.99
C LEU C 171 -37.61 -17.10 3.72
N LEU C 172 -36.45 -17.74 3.55
CA LEU C 172 -36.40 -19.18 3.35
C LEU C 172 -35.50 -19.82 4.41
N GLY C 173 -34.36 -19.18 4.67
CA GLY C 173 -33.44 -19.64 5.68
C GLY C 173 -32.61 -18.49 6.22
N ARG C 174 -32.18 -18.60 7.47
CA ARG C 174 -31.40 -17.53 8.08
C ARG C 174 -30.39 -18.04 9.11
N ASN C 175 -29.15 -17.60 8.96
CA ASN C 175 -28.11 -17.91 9.94
C ASN C 175 -27.25 -16.66 10.16
N SER C 176 -26.50 -16.64 11.27
CA SER C 176 -25.72 -15.46 11.60
C SER C 176 -24.42 -15.79 12.32
N PHE C 177 -23.50 -14.83 12.32
CA PHE C 177 -22.21 -14.97 13.00
C PHE C 177 -21.61 -13.62 13.33
N GLU C 178 -20.91 -13.55 14.47
CA GLU C 178 -20.27 -12.30 14.89
C GLU C 178 -19.01 -12.04 14.07
N VAL C 179 -18.70 -10.76 13.85
CA VAL C 179 -17.54 -10.39 13.04
C VAL C 179 -16.65 -9.37 13.73
N ARG C 180 -15.36 -9.68 13.81
CA ARG C 180 -14.37 -8.70 14.26
C ARG C 180 -13.39 -8.43 13.14
N VAL C 181 -13.38 -7.20 12.65
CA VAL C 181 -12.44 -6.81 11.60
C VAL C 181 -11.25 -6.09 12.24
N CYS C 182 -10.08 -6.74 12.19
CA CYS C 182 -8.91 -6.22 12.87
C CYS C 182 -7.64 -6.43 12.06
N ALA C 183 -6.52 -5.95 12.59
CA ALA C 183 -5.24 -6.09 11.92
C ALA C 183 -4.68 -7.50 12.09
N CYS C 184 -4.90 -8.10 13.25
CA CYS C 184 -4.36 -9.41 13.57
C CYS C 184 -5.46 -10.36 14.04
N PRO C 185 -6.14 -11.03 13.09
CA PRO C 185 -7.22 -11.98 13.41
C PRO C 185 -6.73 -13.15 14.24
N GLY C 186 -5.56 -13.69 13.91
CA GLY C 186 -5.01 -14.84 14.60
C GLY C 186 -4.71 -14.55 16.06
N ARG C 187 -4.16 -13.36 16.31
CA ARG C 187 -3.84 -12.95 17.68
C ARG C 187 -5.11 -12.74 18.49
N ASP C 188 -6.02 -11.95 17.95
CA ASP C 188 -7.23 -11.54 18.67
C ASP C 188 -8.21 -12.70 18.90
N ARG C 189 -8.21 -13.68 18.00
CA ARG C 189 -9.05 -14.84 18.20
C ARG C 189 -8.53 -15.70 19.34
N ARG C 190 -7.22 -15.92 19.35
CA ARG C 190 -6.58 -16.72 20.40
C ARG C 190 -6.77 -16.07 21.76
N THR C 191 -6.54 -14.77 21.82
CA THR C 191 -6.69 -13.99 23.05
C THR C 191 -8.13 -14.07 23.56
N GLU C 192 -9.09 -13.78 22.68
CA GLU C 192 -10.50 -13.75 23.03
C GLU C 192 -11.05 -15.11 23.43
N GLU C 193 -10.58 -16.16 22.77
CA GLU C 193 -10.99 -17.52 23.10
C GLU C 193 -10.47 -17.93 24.47
N GLU C 194 -9.22 -17.59 24.76
CA GLU C 194 -8.60 -17.95 26.03
C GLU C 194 -9.02 -17.04 27.17
N ASN C 195 -9.82 -16.03 26.85
CA ASN C 195 -10.39 -15.14 27.87
C ASN C 195 -11.78 -15.56 28.30
N LEU C 196 -12.36 -16.49 27.54
CA LEU C 196 -13.73 -16.95 27.78
C LEU C 196 -13.80 -17.82 29.03
N ARG C 197 -12.64 -18.18 29.56
CA ARG C 197 -12.55 -18.98 30.78
C ARG C 197 -12.83 -18.13 32.02
N LYS C 198 -13.07 -16.84 31.81
CA LYS C 198 -13.26 -15.91 32.91
C LYS C 198 -14.60 -15.19 32.76
N SER D 2 2.25 22.54 -2.56
CA SER D 2 1.86 23.59 -1.63
C SER D 2 3.09 24.20 -0.95
N SER D 3 3.45 25.40 -1.38
CA SER D 3 4.65 26.10 -0.90
C SER D 3 4.73 26.15 0.62
N VAL D 4 5.90 25.82 1.15
CA VAL D 4 6.12 25.72 2.59
C VAL D 4 6.46 27.07 3.24
N PRO D 5 5.61 27.51 4.19
CA PRO D 5 5.84 28.73 4.97
C PRO D 5 7.13 28.64 5.76
N SER D 6 7.82 29.77 5.91
CA SER D 6 9.05 29.82 6.69
C SER D 6 8.79 29.47 8.15
N GLN D 7 9.77 28.83 8.79
CA GLN D 7 9.64 28.40 10.19
C GLN D 7 10.78 28.93 11.04
N LYS D 8 11.68 29.70 10.43
CA LYS D 8 12.82 30.25 11.15
C LYS D 8 12.38 31.31 12.14
N THR D 9 12.80 31.20 13.38
CA THR D 9 12.31 32.16 14.31
C THR D 9 12.85 33.50 13.94
N TYR D 10 12.11 34.49 14.30
CA TYR D 10 12.44 35.87 13.98
C TYR D 10 11.65 36.81 14.88
N GLN D 11 12.34 37.40 15.86
CA GLN D 11 11.69 38.27 16.84
C GLN D 11 11.39 39.67 16.28
N GLY D 12 12.15 40.08 15.28
CA GLY D 12 11.87 41.30 14.56
C GLY D 12 12.10 42.60 15.32
N SER D 13 11.42 43.65 14.90
CA SER D 13 11.62 44.99 15.44
C SER D 13 10.94 45.20 16.79
N TYR D 14 10.09 44.26 17.19
CA TYR D 14 9.29 44.44 18.40
C TYR D 14 9.62 43.42 19.49
N GLY D 15 10.62 42.59 19.24
CA GLY D 15 11.04 41.58 20.20
C GLY D 15 9.94 40.61 20.53
N PHE D 16 9.35 40.02 19.49
CA PHE D 16 8.21 39.11 19.65
C PHE D 16 8.64 37.74 20.17
N ARG D 17 8.18 37.40 21.37
CA ARG D 17 8.54 36.13 22.00
C ARG D 17 7.31 35.33 22.37
N LEU D 18 7.49 34.03 22.55
CA LEU D 18 6.39 33.17 22.99
C LEU D 18 6.58 32.69 24.43
N GLY D 19 5.50 32.71 25.19
CA GLY D 19 5.53 32.28 26.58
C GLY D 19 4.58 31.14 26.82
N PHE D 20 4.92 30.28 27.78
CA PHE D 20 4.08 29.12 28.11
C PHE D 20 3.99 28.94 29.63
N LEU D 21 2.97 28.19 30.06
CA LEU D 21 2.76 27.92 31.47
C LEU D 21 3.46 26.63 31.88
N HIS D 22 3.98 26.60 33.10
CA HIS D 22 4.59 25.39 33.65
C HIS D 22 3.50 24.54 34.30
N SER D 23 3.23 23.37 33.72
CA SER D 23 2.13 22.53 34.18
C SER D 23 2.60 21.18 34.73
N GLY D 24 3.77 20.73 34.30
CA GLY D 24 4.36 19.51 34.80
C GLY D 24 3.72 18.25 34.26
N THR D 25 4.54 17.23 34.03
CA THR D 25 4.07 15.98 33.45
C THR D 25 3.22 15.17 34.44
N ALA D 26 2.05 15.71 34.77
CA ALA D 26 1.16 15.04 35.71
C ALA D 26 0.44 13.87 35.05
OH ALY D 27 1.26 9.19 36.70
CH ALY D 27 2.06 9.42 37.62
CH3 ALY D 27 3.17 8.46 37.96
NZ ALY D 27 1.98 10.58 38.38
CE ALY D 27 0.99 11.60 38.20
CD ALY D 27 -0.40 11.27 38.76
CG ALY D 27 -1.48 11.74 37.82
CB ALY D 27 -1.41 11.05 36.47
CA ALY D 27 -1.15 12.07 35.35
N ALY D 27 -0.47 13.27 35.80
C ALY D 27 -2.51 12.40 34.76
O ALY D 27 -3.12 11.67 33.99
N SER D 28 -3.01 13.57 35.17
CA SER D 28 -4.32 14.04 34.72
C SER D 28 -4.25 15.45 34.12
N VAL D 29 -3.10 15.78 33.53
CA VAL D 29 -2.92 17.11 32.94
C VAL D 29 -3.50 17.12 31.53
N THR D 30 -3.98 18.28 31.10
CA THR D 30 -4.64 18.41 29.81
C THR D 30 -3.71 19.04 28.76
N CYS D 31 -2.70 19.77 29.24
CA CYS D 31 -1.79 20.46 28.34
C CYS D 31 -0.45 20.76 29.00
N THR D 32 0.64 20.39 28.37
CA THR D 32 1.95 20.56 28.97
C THR D 32 3.04 20.81 27.94
N TYR D 33 3.92 21.78 28.16
CA TYR D 33 4.92 22.26 27.22
C TYR D 33 6.31 21.74 27.62
N SER D 34 7.02 21.16 26.67
CA SER D 34 8.36 20.63 26.91
C SER D 34 9.42 21.57 26.36
N PRO D 35 10.10 22.31 27.25
CA PRO D 35 11.13 23.28 26.85
C PRO D 35 12.30 22.61 26.14
N ALA D 36 12.60 21.38 26.53
CA ALA D 36 13.70 20.63 25.93
C ALA D 36 13.38 20.23 24.49
N LEU D 37 12.10 19.96 24.23
CA LEU D 37 11.66 19.51 22.92
C LEU D 37 11.01 20.65 22.13
N ASN D 38 10.76 21.77 22.80
CA ASN D 38 9.99 22.88 22.23
C ASN D 38 8.66 22.36 21.71
N LYS D 39 8.07 21.43 22.46
CA LYS D 39 6.90 20.69 22.00
C LYS D 39 5.77 20.78 23.01
N MET D 40 4.55 20.98 22.51
CA MET D 40 3.39 21.05 23.40
C MET D 40 2.51 19.81 23.26
N PHE D 41 2.42 19.06 24.36
CA PHE D 41 1.57 17.88 24.42
C PHE D 41 0.23 18.28 25.03
N CYS D 42 -0.85 18.00 24.31
CA CYS D 42 -2.18 18.43 24.76
C CYS D 42 -3.26 17.47 24.31
N GLN D 43 -4.37 17.46 25.04
CA GLN D 43 -5.51 16.64 24.68
C GLN D 43 -6.31 17.28 23.56
N LEU D 44 -7.20 16.49 22.95
CA LEU D 44 -8.05 16.95 21.88
C LEU D 44 -9.05 17.99 22.37
N ALA D 45 -9.10 19.12 21.67
CA ALA D 45 -10.06 20.20 21.92
C ALA D 45 -9.92 20.90 23.28
N LYS D 46 -8.84 20.60 24.00
CA LYS D 46 -8.59 21.23 25.30
C LYS D 46 -7.80 22.53 25.15
N THR D 47 -7.88 23.38 26.16
CA THR D 47 -7.28 24.71 26.11
C THR D 47 -5.75 24.67 26.14
N CYS D 48 -5.13 25.35 25.17
CA CYS D 48 -3.68 25.49 25.13
C CYS D 48 -3.28 26.96 25.22
N PRO D 49 -2.90 27.40 26.42
CA PRO D 49 -2.52 28.79 26.67
C PRO D 49 -1.18 29.14 26.01
N VAL D 50 -1.18 30.15 25.16
CA VAL D 50 0.05 30.65 24.55
C VAL D 50 0.22 32.14 24.81
N GLN D 51 1.35 32.51 25.40
CA GLN D 51 1.59 33.90 25.77
C GLN D 51 2.35 34.65 24.69
N LEU D 52 2.06 35.94 24.56
CA LEU D 52 2.72 36.79 23.57
C LEU D 52 3.50 37.91 24.26
N TRP D 53 4.82 37.89 24.11
CA TRP D 53 5.68 38.87 24.75
C TRP D 53 6.31 39.82 23.73
N VAL D 54 6.25 41.11 24.01
CA VAL D 54 6.84 42.13 23.15
C VAL D 54 7.60 43.18 23.94
N ASP D 55 8.64 43.74 23.33
CA ASP D 55 9.42 44.79 23.97
C ASP D 55 8.75 46.15 23.77
N SER D 56 8.18 46.34 22.59
CA SER D 56 7.50 47.59 22.27
C SER D 56 6.18 47.30 21.56
N THR D 57 5.13 48.01 21.98
CA THR D 57 3.79 47.81 21.44
C THR D 57 3.70 48.15 19.95
N PRO D 58 3.37 47.15 19.12
CA PRO D 58 3.20 47.31 17.68
C PRO D 58 2.05 48.26 17.34
N PRO D 59 2.04 48.81 16.13
CA PRO D 59 0.95 49.70 15.69
C PRO D 59 -0.40 48.99 15.70
N PRO D 60 -1.49 49.75 15.91
CA PRO D 60 -2.84 49.16 15.91
C PRO D 60 -3.19 48.61 14.54
N GLY D 61 -4.01 47.56 14.51
CA GLY D 61 -4.34 46.88 13.27
C GLY D 61 -3.39 45.72 13.06
N THR D 62 -2.53 45.47 14.04
CA THR D 62 -1.61 44.35 14.01
C THR D 62 -2.35 43.05 14.32
N ARG D 63 -2.06 42.00 13.56
CA ARG D 63 -2.76 40.71 13.66
C ARG D 63 -1.84 39.58 14.03
N VAL D 64 -2.37 38.54 14.67
CA VAL D 64 -1.61 37.38 15.10
C VAL D 64 -2.11 36.11 14.42
N ARG D 65 -1.29 35.47 13.63
CA ARG D 65 -1.73 34.32 12.92
C ARG D 65 -1.09 33.07 13.44
N ALA D 66 -1.84 32.00 13.45
CA ALA D 66 -1.34 30.68 13.82
C ALA D 66 -1.64 29.68 12.72
N MET D 67 -0.61 28.95 12.29
CA MET D 67 -0.75 27.97 11.21
C MET D 67 -0.03 26.66 11.54
N ALA D 68 -0.62 25.55 11.11
CA ALA D 68 -0.03 24.24 11.33
C ALA D 68 0.56 23.66 10.04
N ILE D 69 1.79 23.17 10.13
CA ILE D 69 2.44 22.48 9.03
C ILE D 69 3.02 21.16 9.52
N TYR D 70 3.12 20.18 8.62
CA TYR D 70 3.74 18.90 8.96
C TYR D 70 5.24 19.07 9.09
N LYS D 71 5.80 18.53 10.16
CA LYS D 71 7.22 18.71 10.47
C LYS D 71 8.13 17.94 9.51
N GLN D 72 7.73 16.71 9.19
CA GLN D 72 8.54 15.83 8.34
C GLN D 72 8.59 16.32 6.90
N SER D 73 9.76 16.20 6.27
CA SER D 73 10.00 16.75 4.93
C SER D 73 9.10 16.15 3.85
N GLN D 74 8.85 14.85 3.96
CA GLN D 74 8.05 14.14 2.96
C GLN D 74 6.57 14.48 3.04
N HIS D 75 6.16 15.18 4.10
CA HIS D 75 4.75 15.52 4.30
C HIS D 75 4.50 17.03 4.34
N MET D 76 5.57 17.83 4.29
CA MET D 76 5.46 19.29 4.40
C MET D 76 4.50 19.91 3.39
N THR D 77 4.46 19.33 2.18
CA THR D 77 3.69 19.92 1.10
C THR D 77 2.19 19.59 1.17
N GLU D 78 1.77 18.95 2.26
CA GLU D 78 0.35 18.64 2.46
C GLU D 78 -0.29 19.59 3.41
N VAL D 79 -1.49 19.97 3.11
CA VAL D 79 -2.26 20.86 3.97
C VAL D 79 -2.76 20.12 5.21
N VAL D 80 -2.56 20.73 6.38
CA VAL D 80 -3.01 20.14 7.63
C VAL D 80 -4.50 20.36 7.86
N ARG D 81 -5.30 19.34 7.76
CA ARG D 81 -6.70 19.47 8.02
C ARG D 81 -7.15 18.57 9.14
N ARG D 82 -8.46 18.46 9.31
CA ARG D 82 -9.03 17.59 10.28
C ARG D 82 -9.36 16.29 9.62
N CYS D 83 -9.38 15.20 10.35
CA CYS D 83 -9.75 13.91 9.79
C CYS D 83 -11.21 13.95 9.32
N PRO D 84 -11.55 13.12 8.32
CA PRO D 84 -12.91 13.07 7.77
C PRO D 84 -13.98 12.87 8.84
N HIS D 85 -13.65 12.17 9.91
CA HIS D 85 -14.58 11.94 11.00
C HIS D 85 -14.85 13.22 11.79
N HIS D 86 -13.79 13.85 12.29
CA HIS D 86 -13.92 15.00 13.16
C HIS D 86 -14.50 16.25 12.49
N GLU D 87 -14.37 16.36 11.18
CA GLU D 87 -14.92 17.52 10.48
C GLU D 87 -16.42 17.35 10.21
N ARG D 88 -16.98 16.27 10.74
CA ARG D 88 -18.40 15.96 10.57
C ARG D 88 -19.07 15.64 11.91
N CYS D 89 -18.37 15.85 13.01
CA CYS D 89 -18.90 15.53 14.32
CA CYS D 89 -18.87 15.54 14.34
C CYS D 89 -19.76 16.65 14.89
N SER D 90 -19.68 17.82 14.27
CA SER D 90 -20.45 18.99 14.70
C SER D 90 -20.19 19.37 16.16
N ASP D 91 -18.93 19.69 16.47
CA ASP D 91 -18.57 20.17 17.80
C ASP D 91 -18.26 21.66 17.74
N SER D 92 -18.68 22.27 16.64
CA SER D 92 -18.38 23.67 16.33
C SER D 92 -18.76 24.61 17.47
N ASP D 93 -17.87 25.54 17.78
CA ASP D 93 -18.07 26.50 18.86
C ASP D 93 -18.99 27.64 18.40
N GLY D 94 -19.49 27.52 17.18
CA GLY D 94 -20.36 28.54 16.61
C GLY D 94 -19.59 29.51 15.74
N LEU D 95 -18.27 29.48 15.85
CA LEU D 95 -17.42 30.39 15.09
C LEU D 95 -16.56 29.67 14.06
N ALA D 96 -15.84 28.64 14.51
CA ALA D 96 -14.90 27.94 13.67
C ALA D 96 -15.55 27.02 12.66
N PRO D 97 -15.09 27.06 11.40
CA PRO D 97 -15.48 26.08 10.38
C PRO D 97 -15.05 24.68 10.82
N PRO D 98 -15.78 23.66 10.36
CA PRO D 98 -15.53 22.27 10.79
C PRO D 98 -14.13 21.76 10.44
N GLN D 99 -13.58 22.11 9.30
CA GLN D 99 -12.31 21.54 8.92
C GLN D 99 -11.08 22.17 9.47
N HIS D 100 -11.17 23.22 10.22
CA HIS D 100 -9.99 23.79 10.74
C HIS D 100 -9.54 23.07 11.96
N LEU D 101 -8.24 22.83 12.05
CA LEU D 101 -7.62 22.10 13.15
C LEU D 101 -7.42 23.00 14.35
N ILE D 102 -6.83 24.17 14.12
CA ILE D 102 -6.52 25.10 15.20
C ILE D 102 -7.64 26.13 15.40
N ARG D 103 -8.16 26.21 16.63
CA ARG D 103 -9.19 27.18 16.96
C ARG D 103 -8.70 28.18 17.99
N VAL D 104 -9.44 29.27 18.14
CA VAL D 104 -9.19 30.23 19.21
C VAL D 104 -10.48 30.45 20.00
N GLU D 105 -10.46 30.12 21.28
CA GLU D 105 -11.64 30.27 22.12
C GLU D 105 -11.63 31.57 22.92
N GLY D 106 -12.80 32.17 23.07
CA GLY D 106 -12.93 33.39 23.85
C GLY D 106 -12.87 34.64 23.01
N ASN D 107 -11.99 34.63 22.00
CA ASN D 107 -11.79 35.78 21.14
C ASN D 107 -12.89 35.88 20.09
N LEU D 108 -13.71 36.93 20.20
CA LEU D 108 -14.84 37.13 19.30
C LEU D 108 -14.43 37.82 18.00
N ARG D 109 -13.31 38.52 18.03
CA ARG D 109 -12.81 39.20 16.84
C ARG D 109 -11.87 38.31 16.04
N VAL D 110 -12.07 37.00 16.17
CA VAL D 110 -11.26 36.00 15.48
C VAL D 110 -11.69 35.82 14.03
N GLU D 111 -10.74 35.48 13.16
CA GLU D 111 -11.05 35.16 11.77
C GLU D 111 -10.43 33.82 11.38
N TYR D 112 -11.20 33.02 10.64
CA TYR D 112 -10.69 31.74 10.14
C TYR D 112 -10.44 31.80 8.65
N LEU D 113 -9.19 31.61 8.26
CA LEU D 113 -8.76 31.84 6.88
C LEU D 113 -8.13 30.61 6.24
N ASP D 114 -8.12 30.60 4.90
CA ASP D 114 -7.21 29.76 4.14
C ASP D 114 -6.39 30.66 3.23
N ASP D 115 -5.47 30.10 2.45
CA ASP D 115 -4.67 30.91 1.56
C ASP D 115 -5.05 30.68 0.11
N ARG D 116 -5.09 31.76 -0.66
CA ARG D 116 -5.51 31.75 -2.06
C ARG D 116 -4.70 30.77 -2.89
N ASN D 117 -3.40 30.72 -2.64
CA ASN D 117 -2.49 29.91 -3.42
C ASN D 117 -1.99 28.65 -2.71
N THR D 118 -1.52 28.81 -1.47
CA THR D 118 -0.92 27.68 -0.76
C THR D 118 -1.98 26.78 -0.11
N PHE D 119 -3.24 27.24 -0.10
CA PHE D 119 -4.39 26.46 0.36
C PHE D 119 -4.34 26.05 1.84
N ARG D 120 -3.43 26.64 2.61
CA ARG D 120 -3.24 26.23 4.00
C ARG D 120 -4.22 26.93 4.95
N HIS D 121 -4.60 26.22 6.01
CA HIS D 121 -5.50 26.76 7.02
C HIS D 121 -4.74 27.58 8.06
N SER D 122 -5.32 28.71 8.45
CA SER D 122 -4.72 29.56 9.47
C SER D 122 -5.79 30.32 10.24
N VAL D 123 -5.53 30.57 11.52
CA VAL D 123 -6.48 31.31 12.35
C VAL D 123 -5.82 32.58 12.89
N VAL D 124 -6.52 33.71 12.76
CA VAL D 124 -5.96 34.98 13.15
C VAL D 124 -6.82 35.75 14.17
N VAL D 125 -6.15 36.53 15.01
CA VAL D 125 -6.81 37.42 15.95
C VAL D 125 -6.05 38.75 15.96
N PRO D 126 -6.77 39.87 16.09
CA PRO D 126 -6.07 41.16 16.14
C PRO D 126 -5.28 41.28 17.43
N TYR D 127 -4.02 41.68 17.33
CA TYR D 127 -3.18 41.81 18.50
C TYR D 127 -3.69 42.89 19.44
N GLU D 128 -3.85 42.52 20.71
CA GLU D 128 -4.20 43.48 21.73
C GLU D 128 -3.10 43.55 22.77
N PRO D 129 -2.63 44.76 23.08
CA PRO D 129 -1.54 44.99 24.03
C PRO D 129 -1.88 44.45 25.41
N PRO D 130 -0.86 44.10 26.21
CA PRO D 130 -1.08 43.64 27.58
C PRO D 130 -1.86 44.68 28.37
N GLU D 131 -2.98 44.29 28.97
CA GLU D 131 -3.72 45.19 29.83
C GLU D 131 -2.81 45.67 30.96
N VAL D 132 -2.89 46.95 31.28
CA VAL D 132 -1.99 47.58 32.25
C VAL D 132 -1.83 46.77 33.54
N GLY D 133 -0.59 46.40 33.82
CA GLY D 133 -0.30 45.50 34.92
C GLY D 133 0.31 44.21 34.38
N SER D 134 -0.33 43.65 33.35
CA SER D 134 0.19 42.46 32.69
C SER D 134 1.39 42.80 31.81
N ASP D 135 2.28 41.83 31.63
CA ASP D 135 3.46 42.03 30.80
C ASP D 135 3.35 41.27 29.48
N CYS D 136 2.21 40.60 29.28
CA CYS D 136 1.99 39.82 28.06
C CYS D 136 0.50 39.61 27.83
N THR D 137 0.14 39.16 26.63
CA THR D 137 -1.23 38.79 26.29
C THR D 137 -1.30 37.33 26.03
N THR D 138 -2.38 36.68 26.47
CA THR D 138 -2.52 35.24 26.34
C THR D 138 -3.62 34.85 25.35
N ILE D 139 -3.30 33.91 24.46
CA ILE D 139 -4.27 33.39 23.51
C ILE D 139 -4.55 31.91 23.79
N HIS D 140 -5.82 31.53 23.84
CA HIS D 140 -6.19 30.15 24.11
C HIS D 140 -6.51 29.37 22.83
N TYR D 141 -5.59 28.50 22.44
CA TYR D 141 -5.76 27.70 21.24
C TYR D 141 -6.35 26.33 21.53
N ASN D 142 -7.13 25.81 20.58
CA ASN D 142 -7.63 24.44 20.64
C ASN D 142 -7.16 23.68 19.41
N TYR D 143 -6.79 22.41 19.60
CA TYR D 143 -6.42 21.55 18.48
C TYR D 143 -7.48 20.48 18.29
N MET D 144 -8.16 20.53 17.14
CA MET D 144 -9.39 19.77 16.94
C MET D 144 -9.20 18.39 16.32
N CYS D 145 -8.03 17.80 16.50
CA CYS D 145 -7.76 16.44 16.06
C CYS D 145 -6.54 15.89 16.78
N ASN D 146 -6.63 14.64 17.22
CA ASN D 146 -5.47 13.94 17.76
C ASN D 146 -4.42 13.79 16.66
N SER D 147 -3.14 13.83 17.02
CA SER D 147 -2.08 13.68 16.04
C SER D 147 -2.13 12.33 15.32
N SER D 148 -2.77 11.36 15.95
CA SER D 148 -2.81 10.00 15.41
C SER D 148 -4.11 9.73 14.65
N CYS D 149 -4.90 10.78 14.42
CA CYS D 149 -6.19 10.65 13.75
C CYS D 149 -6.09 10.01 12.37
N MET D 150 -6.76 8.88 12.21
CA MET D 150 -6.82 8.18 10.93
C MET D 150 -7.53 9.04 9.88
N GLY D 151 -6.81 9.36 8.81
CA GLY D 151 -7.37 10.17 7.74
C GLY D 151 -6.96 11.63 7.87
N GLY D 152 -6.53 12.01 9.07
CA GLY D 152 -6.10 13.38 9.31
C GLY D 152 -4.60 13.50 9.32
N MET D 153 -4.03 13.89 10.45
CA MET D 153 -2.59 14.01 10.60
C MET D 153 -1.91 12.64 10.50
N ASN D 154 -2.65 11.60 10.89
CA ASN D 154 -2.21 10.21 10.72
C ASN D 154 -0.85 9.92 11.35
N ARG D 155 -0.71 10.21 12.61
CA ARG D 155 0.49 9.88 13.31
C ARG D 155 1.69 10.70 12.89
N ARG D 156 1.47 11.75 12.13
CA ARG D 156 2.52 12.64 11.69
C ARG D 156 2.59 13.86 12.59
N PRO D 157 3.76 14.14 13.18
CA PRO D 157 3.93 15.29 14.06
C PRO D 157 3.86 16.60 13.27
N ILE D 158 3.40 17.66 13.92
CA ILE D 158 3.25 18.95 13.24
C ILE D 158 3.93 20.08 13.99
N LEU D 159 4.03 21.23 13.33
CA LEU D 159 4.54 22.45 13.96
C LEU D 159 3.46 23.52 13.88
N THR D 160 3.35 24.32 14.94
CA THR D 160 2.45 25.47 14.92
C THR D 160 3.25 26.74 14.76
N ILE D 161 3.01 27.45 13.67
CA ILE D 161 3.74 28.69 13.38
C ILE D 161 2.93 29.92 13.76
N ILE D 162 3.40 30.68 14.71
CA ILE D 162 2.70 31.86 15.14
C ILE D 162 3.41 33.04 14.57
N THR D 163 2.73 33.86 13.80
CA THR D 163 3.32 35.02 13.14
C THR D 163 2.65 36.32 13.56
N LEU D 164 3.47 37.35 13.76
CA LEU D 164 2.96 38.69 14.02
C LEU D 164 2.95 39.46 12.71
N GLU D 165 1.78 39.94 12.30
CA GLU D 165 1.65 40.61 11.01
C GLU D 165 0.97 41.97 11.14
N ASP D 166 1.36 42.90 10.27
CA ASP D 166 0.65 44.17 10.17
C ASP D 166 -0.65 43.94 9.42
N SER D 167 -1.47 44.98 9.29
CA SER D 167 -2.78 44.85 8.65
C SER D 167 -2.67 44.36 7.21
N SER D 168 -1.54 44.65 6.57
CA SER D 168 -1.31 44.29 5.18
C SER D 168 -0.95 42.81 5.03
N GLY D 169 -0.40 42.24 6.09
CA GLY D 169 -0.01 40.84 6.07
C GLY D 169 1.50 40.66 5.98
N ASN D 170 2.23 41.75 6.14
CA ASN D 170 3.69 41.70 6.15
C ASN D 170 4.21 41.10 7.45
N LEU D 171 5.35 40.41 7.37
CA LEU D 171 5.94 39.78 8.54
C LEU D 171 6.52 40.81 9.50
N LEU D 172 6.24 40.64 10.79
CA LEU D 172 6.82 41.49 11.82
C LEU D 172 7.61 40.63 12.81
N GLY D 173 7.07 39.45 13.11
CA GLY D 173 7.73 38.52 14.01
C GLY D 173 7.22 37.11 13.82
N ARG D 174 8.04 36.15 14.19
CA ARG D 174 7.67 34.78 14.04
C ARG D 174 8.30 33.88 15.07
N ASN D 175 7.54 32.94 15.55
CA ASN D 175 8.03 31.86 16.38
C ASN D 175 7.25 30.58 16.12
N SER D 176 7.71 29.46 16.66
CA SER D 176 7.07 28.18 16.40
C SER D 176 7.35 27.13 17.47
N PHE D 177 6.57 26.05 17.45
CA PHE D 177 6.77 24.92 18.36
C PHE D 177 6.12 23.66 17.81
N GLU D 178 6.58 22.51 18.30
CA GLU D 178 6.02 21.23 17.87
C GLU D 178 4.78 20.89 18.68
N VAL D 179 3.83 20.19 18.06
CA VAL D 179 2.59 19.83 18.74
C VAL D 179 2.25 18.35 18.58
N ARG D 180 1.99 17.70 19.71
CA ARG D 180 1.43 16.38 19.73
C ARG D 180 0.10 16.47 20.35
N VAL D 181 -0.90 16.08 19.63
CA VAL D 181 -2.25 15.99 20.20
C VAL D 181 -2.56 14.54 20.49
N CYS D 182 -2.52 14.18 21.77
CA CYS D 182 -2.72 12.79 22.18
C CYS D 182 -3.70 12.69 23.35
N ALA D 183 -4.03 11.47 23.74
CA ALA D 183 -4.96 11.25 24.83
C ALA D 183 -4.29 11.53 26.18
N CYS D 184 -3.02 11.16 26.27
CA CYS D 184 -2.26 11.32 27.51
C CYS D 184 -1.01 12.17 27.29
N PRO D 185 -1.15 13.50 27.44
CA PRO D 185 -0.03 14.42 27.27
C PRO D 185 1.07 14.17 28.28
N GLY D 186 0.70 13.95 29.53
CA GLY D 186 1.67 13.71 30.59
C GLY D 186 2.50 12.48 30.36
N ARG D 187 1.85 11.40 29.95
CA ARG D 187 2.55 10.15 29.67
C ARG D 187 3.49 10.28 28.48
N ASP D 188 2.97 10.80 27.37
CA ASP D 188 3.74 10.87 26.13
C ASP D 188 4.88 11.89 26.18
N ARG D 189 4.71 12.96 26.95
CA ARG D 189 5.79 13.92 27.11
C ARG D 189 6.92 13.32 27.93
N ARG D 190 6.55 12.64 29.01
CA ARG D 190 7.50 11.98 29.89
C ARG D 190 8.28 10.92 29.12
N THR D 191 7.57 10.23 28.22
CA THR D 191 8.19 9.18 27.41
C THR D 191 9.21 9.75 26.43
N GLU D 192 8.80 10.76 25.67
CA GLU D 192 9.68 11.36 24.66
C GLU D 192 10.91 12.03 25.26
N GLU D 193 10.73 12.66 26.42
CA GLU D 193 11.84 13.32 27.10
C GLU D 193 12.85 12.31 27.64
N GLU D 194 12.35 11.21 28.17
CA GLU D 194 13.22 10.17 28.70
C GLU D 194 13.81 9.30 27.59
N ASN D 195 13.36 9.52 26.36
CA ASN D 195 13.91 8.83 25.20
C ASN D 195 15.02 9.64 24.54
N LEU D 196 15.08 10.92 24.87
CA LEU D 196 16.09 11.81 24.30
C LEU D 196 17.47 11.51 24.88
N ARG D 197 17.50 10.70 25.94
CA ARG D 197 18.74 10.29 26.57
C ARG D 197 19.47 9.27 25.71
N LYS D 198 20.35 9.75 24.84
CA LYS D 198 21.08 8.88 23.93
C LYS D 198 22.60 9.03 24.10
ZN ZN G . 7.75 -12.66 -15.16
ZN ZN H . 12.36 -1.85 -9.82
ZN ZN I . -12.98 2.28 8.40
ZN ZN J . -9.47 13.62 13.90
#